data_8RL9
#
_entry.id   8RL9
#
_cell.length_a   1.00
_cell.length_b   1.00
_cell.length_c   1.00
_cell.angle_alpha   90.00
_cell.angle_beta   90.00
_cell.angle_gamma   90.00
#
_symmetry.space_group_name_H-M   'P 1'
#
loop_
_entity.id
_entity.type
_entity.pdbx_description
1 polymer 'Green fluorescent protein'
2 polymer 'Gluebody GbEnhancer'
3 polymer 'Gluebody G5-006'
4 polymer 'ATP-dependent DNA helicase Q5'
5 non-polymer 'ZINC ION'
#
loop_
_entity_poly.entity_id
_entity_poly.type
_entity_poly.pdbx_seq_one_letter_code
_entity_poly.pdbx_strand_id
1 'polypeptide(L)'
;MSKGEELFTGVVPILVELDGDVNGHKFSVRGEGEGDATNGKLTLKFICTTGKLPVPWPTLVTTLTYGVQCFSRYPDHMKR
HDFFKSAMPEGYVQERTISFKDDGTYKTRAEVKFEGDTLVNRIELKGIDFKEDGNILGHKLEYNFNSHNVYITADKQKNG
IKANFKIRHNVEDGSVQLADHYQQNTPIGDGPVLLPDNHYLSTQSVLSKDPNEKRDHMVLLEFVTAAGITHGMDELYK
;
B
2 'polypeptide(L)'
;QVQLVENGGACVKPGGSLRLSCAASGFPVNRYSMRWYRQAPGKEREWVAGMSSAGDRSSYEDSVKGRFTISRDDARNTVY
LQMNSLKPEDTAVYYCNVNVGFEYWGQGTQVMVS
;
D
3 'polypeptide(L)'
;SMAQVQLVENGGGCVKAGGSLRLSCAASGSIFSINRMTWYRQAPGKEREWVAAITSGGSTNYADSVKGRFTISRDNAENT
VYLQMNSLKPEDTAVYYCEAYGTYTLAPTGEGEYDDYWGQGTQVMVS
;
K
4 'polypeptide(L)'
;PERRVRSTLKKVFGFDSFKTPLQESATMAVVKGNKDVFVCMPTGAGKSLCYQLPALLAKGITIVVSPLIALIQDQVDHLL
TLKVRVSSLNSKLSAQERKELLADLEREKPQTKILYITPEMAASSSFQPTLNSLVSRHLLSYLVVDEAHCVSQWGHDFRP
DYLRLGALRSRLGHAPCVALTATATPQVQEDVFAALHLKKPVAIFKTPCFRANLFYDVQFKELISDPYGNLKDFCLKALG
QEADKGLSGCGIVYCRTREACEQLAIELSCRGVNAKAYHAGLKASERTLVQNDWMEEKVPVIVATISFGMGVDKANVRFV
AHWNIAKSMAGYYQESGRAGRDGKPSWCRLYYSRNDRDQVSFLIRKEVAKLQEKRGNKASDKATIMAFDALVTFCEELGC
RHAAIAKYFGDALPACAKGCDHCQNPTAVRRRLEALERSSSW
;
A
#
loop_
_chem_comp.id
_chem_comp.type
_chem_comp.name
_chem_comp.formula
ZN non-polymer 'ZINC ION' 'Zn 2'
#
# COMPACT_ATOMS: atom_id res chain seq x y z
N GLU A 5 13.14 22.18 -1.85
CA GLU A 5 14.09 21.34 -1.14
C GLU A 5 15.47 21.97 -1.15
N GLU A 6 15.95 22.36 -2.34
CA GLU A 6 17.28 22.93 -2.45
C GLU A 6 17.41 24.24 -1.67
N LEU A 7 16.30 24.90 -1.35
CA LEU A 7 16.37 26.09 -0.51
C LEU A 7 16.67 25.74 0.94
N PHE A 8 16.29 24.54 1.38
CA PHE A 8 16.47 24.12 2.77
C PHE A 8 17.81 23.43 3.01
N THR A 9 18.61 23.20 1.97
CA THR A 9 19.89 22.53 2.14
C THR A 9 20.81 23.36 3.02
N GLY A 10 21.11 22.87 4.21
CA GLY A 10 21.97 23.59 5.14
C GLY A 10 21.22 24.18 6.31
N VAL A 11 21.59 25.39 6.71
CA VAL A 11 20.98 26.10 7.83
C VAL A 11 20.15 27.24 7.29
N VAL A 12 18.94 27.42 7.83
CA VAL A 12 18.03 28.45 7.37
C VAL A 12 17.59 29.30 8.56
N PRO A 13 17.73 30.63 8.50
CA PRO A 13 17.16 31.46 9.56
C PRO A 13 15.64 31.42 9.52
N ILE A 14 15.03 31.66 10.68
CA ILE A 14 13.58 31.62 10.84
C ILE A 14 13.15 32.81 11.68
N LEU A 15 12.07 33.47 11.25
CA LEU A 15 11.45 34.55 11.98
C LEU A 15 9.95 34.28 12.07
N VAL A 16 9.36 34.55 13.23
CA VAL A 16 7.95 34.29 13.46
C VAL A 16 7.34 35.52 14.16
N GLU A 17 6.15 35.89 13.72
CA GLU A 17 5.42 37.01 14.33
C GLU A 17 3.97 36.59 14.53
N LEU A 18 3.48 36.75 15.77
CA LEU A 18 2.10 36.41 16.10
C LEU A 18 1.48 37.56 16.88
N ASP A 19 0.20 37.82 16.60
CA ASP A 19 -0.57 38.85 17.30
C ASP A 19 -1.92 38.25 17.72
N GLY A 20 -2.01 37.86 19.00
CA GLY A 20 -3.18 37.19 19.52
C GLY A 20 -4.05 38.11 20.38
N ASP A 21 -5.33 37.74 20.47
CA ASP A 21 -6.32 38.47 21.25
C ASP A 21 -7.11 37.46 22.07
N VAL A 22 -6.69 37.26 23.32
CA VAL A 22 -7.33 36.32 24.23
C VAL A 22 -8.29 37.11 25.11
N ASN A 23 -9.58 37.03 24.79
CA ASN A 23 -10.64 37.65 25.59
C ASN A 23 -10.31 39.12 25.88
N GLY A 24 -9.96 39.86 24.82
CA GLY A 24 -9.62 41.25 24.91
C GLY A 24 -8.14 41.51 25.16
N HIS A 25 -7.46 40.62 25.89
CA HIS A 25 -6.03 40.77 26.15
C HIS A 25 -5.27 40.62 24.83
N LYS A 26 -4.73 41.72 24.33
CA LYS A 26 -4.00 41.73 23.07
C LYS A 26 -2.51 41.58 23.36
N PHE A 27 -1.88 40.57 22.78
CA PHE A 27 -0.46 40.34 22.94
C PHE A 27 0.19 40.11 21.58
N SER A 28 1.49 40.38 21.52
CA SER A 28 2.26 40.19 20.30
C SER A 28 3.60 39.57 20.67
N VAL A 29 4.01 38.57 19.90
CA VAL A 29 5.27 37.86 20.13
C VAL A 29 6.03 37.78 18.80
N ARG A 30 7.29 38.18 18.83
CA ARG A 30 8.19 38.11 17.68
C ARG A 30 9.41 37.29 18.09
N GLY A 31 9.57 36.13 17.45
CA GLY A 31 10.68 35.25 17.77
C GLY A 31 11.57 34.99 16.57
N GLU A 32 12.80 34.54 16.82
CA GLU A 32 13.75 34.30 15.75
C GLU A 32 14.66 33.14 16.13
N GLY A 33 15.33 32.59 15.12
CA GLY A 33 16.28 31.52 15.38
C GLY A 33 16.71 30.84 14.10
N GLU A 34 17.11 29.58 14.24
CA GLU A 34 17.67 28.81 13.13
C GLU A 34 16.99 27.46 13.03
N GLY A 35 17.06 26.89 11.82
CA GLY A 35 16.54 25.56 11.58
C GLY A 35 17.36 24.79 10.55
N ASP A 36 17.57 23.51 10.82
CA ASP A 36 18.30 22.61 9.93
C ASP A 36 17.34 21.52 9.48
N ALA A 37 16.86 21.62 8.24
CA ALA A 37 15.93 20.65 7.72
C ALA A 37 16.58 19.28 7.53
N THR A 38 17.87 19.26 7.17
CA THR A 38 18.55 17.98 6.95
C THR A 38 18.58 17.14 8.22
N ASN A 39 18.89 17.76 9.35
CA ASN A 39 18.95 17.07 10.64
C ASN A 39 17.68 17.21 11.45
N GLY A 40 16.68 17.91 10.93
CA GLY A 40 15.43 18.09 11.65
C GLY A 40 15.61 18.79 12.98
N LYS A 41 16.36 19.89 13.00
CA LYS A 41 16.61 20.67 14.20
C LYS A 41 15.94 22.03 14.07
N LEU A 42 15.42 22.53 15.19
CA LEU A 42 14.75 23.83 15.20
C LEU A 42 15.05 24.50 16.53
N THR A 43 15.93 25.51 16.52
CA THR A 43 16.32 26.22 17.74
C THR A 43 15.84 27.66 17.61
N LEU A 44 14.84 28.03 18.40
CA LEU A 44 14.20 29.33 18.28
C LEU A 44 14.07 29.98 19.65
N LYS A 45 13.82 31.29 19.63
CA LYS A 45 13.55 32.07 20.84
C LYS A 45 12.39 33.00 20.55
N PHE A 46 11.32 32.87 21.32
CA PHE A 46 10.09 33.65 21.11
C PHE A 46 9.91 34.57 22.32
N ILE A 47 10.48 35.76 22.23
CA ILE A 47 10.40 36.75 23.31
C ILE A 47 9.15 37.61 23.05
N CYS A 48 8.10 37.38 23.81
CA CYS A 48 6.87 38.11 23.63
C CYS A 48 7.05 39.58 24.01
N THR A 49 6.39 40.47 23.26
CA THR A 49 6.44 41.89 23.58
C THR A 49 5.82 42.15 24.94
N THR A 50 4.69 41.50 25.23
CA THR A 50 4.06 41.66 26.54
C THR A 50 4.97 41.10 27.63
N GLY A 51 5.00 41.79 28.77
CA GLY A 51 5.84 41.34 29.86
C GLY A 51 5.52 39.94 30.31
N LYS A 52 4.22 39.61 30.39
CA LYS A 52 3.78 38.26 30.70
C LYS A 52 2.73 37.84 29.66
N LEU A 53 2.95 36.68 29.06
CA LEU A 53 2.00 36.15 28.09
C LEU A 53 0.69 35.84 28.81
N PRO A 54 -0.46 36.39 28.38
CA PRO A 54 -1.71 36.07 29.07
C PRO A 54 -1.98 34.59 29.20
N VAL A 55 -1.50 33.77 28.26
CA VAL A 55 -1.71 32.32 28.29
C VAL A 55 -0.36 31.64 28.51
N PRO A 56 -0.35 30.39 28.98
CA PRO A 56 0.92 29.70 29.20
C PRO A 56 1.67 29.46 27.90
N TRP A 57 2.99 29.41 28.02
CA TRP A 57 3.85 29.20 26.85
C TRP A 57 3.57 27.88 26.15
N PRO A 58 3.41 26.75 26.85
CA PRO A 58 3.15 25.49 26.14
C PRO A 58 1.91 25.54 25.26
N THR A 59 0.92 26.36 25.63
CA THR A 59 -0.28 26.46 24.81
C THR A 59 0.05 27.03 23.43
N LEU A 60 0.93 28.03 23.37
CA LEU A 60 1.30 28.65 22.11
C LEU A 60 2.53 28.01 21.48
N VAL A 61 3.12 27.00 22.11
CA VAL A 61 4.18 26.25 21.45
C VAL A 61 3.67 25.67 20.14
N THR A 62 2.43 25.17 20.14
CA THR A 62 1.85 24.58 18.94
C THR A 62 1.44 25.64 17.91
N THR A 63 1.36 26.90 18.30
CA THR A 63 0.99 27.97 17.38
C THR A 63 2.20 28.70 16.81
N LEU A 64 3.32 28.72 17.53
CA LEU A 64 4.50 29.46 17.10
C LEU A 64 5.53 28.60 16.37
N THR A 65 5.49 27.28 16.55
CA THR A 65 6.47 26.39 15.93
C THR A 65 5.84 25.35 15.02
N TYR A 66 4.76 24.68 15.46
CA TYR A 66 4.12 23.70 14.60
C TYR A 66 3.49 24.34 13.36
N GLY A 67 3.44 25.67 13.30
CA GLY A 67 3.13 26.33 12.04
C GLY A 67 4.25 26.29 11.04
N VAL A 68 5.43 25.85 11.45
CA VAL A 68 6.58 25.67 10.57
C VAL A 68 7.01 24.22 10.70
N GLN A 69 6.45 23.35 9.86
CA GLN A 69 6.81 21.94 9.85
C GLN A 69 7.62 21.54 8.63
N CYS A 70 7.99 22.50 7.78
CA CYS A 70 8.80 22.19 6.61
C CYS A 70 10.23 21.80 6.98
N PHE A 71 10.66 22.09 8.21
CA PHE A 71 11.99 21.70 8.67
C PHE A 71 12.05 20.27 9.16
N SER A 72 10.93 19.55 9.15
CA SER A 72 10.92 18.16 9.62
C SER A 72 11.88 17.32 8.77
N ARG A 73 12.61 16.43 9.44
CA ARG A 73 13.57 15.55 8.77
C ARG A 73 12.79 14.46 8.04
N TYR A 74 12.22 14.83 6.90
CA TYR A 74 11.47 13.88 6.10
C TYR A 74 12.41 12.82 5.54
N PRO A 75 12.15 11.53 5.77
CA PRO A 75 13.03 10.50 5.20
C PRO A 75 13.05 10.56 3.68
N ASP A 76 14.18 10.13 3.11
CA ASP A 76 14.34 10.17 1.66
C ASP A 76 13.23 9.41 0.95
N HIS A 77 12.77 8.30 1.53
CA HIS A 77 11.69 7.54 0.92
C HIS A 77 10.32 8.18 1.14
N MET A 78 10.24 9.22 1.96
CA MET A 78 9.02 10.01 2.11
C MET A 78 9.23 11.47 1.75
N LYS A 79 10.36 11.80 1.13
CA LYS A 79 10.62 13.20 0.78
C LYS A 79 9.55 13.76 -0.14
N ARG A 80 8.96 12.91 -0.98
CA ARG A 80 7.88 13.38 -1.84
C ARG A 80 6.67 13.80 -1.02
N HIS A 81 6.37 13.07 0.05
CA HIS A 81 5.23 13.39 0.90
C HIS A 81 5.44 14.65 1.73
N ASP A 82 6.57 15.34 1.56
CA ASP A 82 6.84 16.59 2.28
C ASP A 82 6.00 17.69 1.64
N PHE A 83 4.74 17.77 2.06
CA PHE A 83 3.84 18.79 1.52
C PHE A 83 4.37 20.19 1.80
N PHE A 84 4.88 20.41 3.01
CA PHE A 84 5.26 21.75 3.43
C PHE A 84 6.35 22.32 2.52
N LYS A 85 7.43 21.56 2.31
CA LYS A 85 8.51 22.04 1.45
C LYS A 85 8.04 22.23 0.01
N SER A 86 7.20 21.33 -0.48
CA SER A 86 6.55 21.54 -1.77
C SER A 86 5.62 22.73 -1.68
N ALA A 87 5.64 23.58 -2.71
CA ALA A 87 4.90 24.83 -2.73
C ALA A 87 5.32 25.75 -1.59
N MET A 88 6.53 25.56 -1.06
CA MET A 88 7.08 26.39 0.01
C MET A 88 7.60 27.71 -0.51
N PRO A 89 8.28 27.75 -1.66
CA PRO A 89 8.71 29.05 -2.19
C PRO A 89 7.57 30.03 -2.35
N GLU A 90 6.34 29.55 -2.52
CA GLU A 90 5.18 30.41 -2.60
C GLU A 90 4.49 30.59 -1.25
N GLY A 91 4.65 29.63 -0.35
CA GLY A 91 4.06 29.70 0.97
C GLY A 91 2.74 28.95 1.06
N TYR A 92 2.23 28.86 2.29
CA TYR A 92 0.95 28.18 2.52
C TYR A 92 0.28 28.79 3.75
N VAL A 93 -1.04 28.61 3.81
CA VAL A 93 -1.88 29.18 4.86
C VAL A 93 -2.34 28.04 5.77
N GLN A 94 -2.10 28.21 7.07
CA GLN A 94 -2.44 27.23 8.09
C GLN A 94 -3.49 27.83 9.03
N GLU A 95 -4.73 27.36 8.93
CA GLU A 95 -5.81 27.79 9.80
C GLU A 95 -6.14 26.66 10.75
N ARG A 96 -6.03 26.91 12.06
CA ARG A 96 -6.15 25.87 13.07
C ARG A 96 -7.05 26.33 14.21
N THR A 97 -7.97 25.47 14.60
CA THR A 97 -8.77 25.65 15.81
C THR A 97 -8.34 24.61 16.83
N ILE A 98 -8.00 25.07 18.03
CA ILE A 98 -7.60 24.22 19.14
C ILE A 98 -8.72 24.28 20.15
N SER A 99 -9.43 23.15 20.33
CA SER A 99 -10.46 23.07 21.35
C SER A 99 -9.81 22.49 22.61
N PHE A 100 -9.60 23.39 23.57
CA PHE A 100 -9.25 23.03 24.94
C PHE A 100 -10.49 22.50 25.66
N LYS A 101 -10.29 21.51 26.52
CA LYS A 101 -11.40 20.92 27.25
C LYS A 101 -11.73 21.77 28.46
N ASP A 102 -12.85 22.47 28.40
CA ASP A 102 -13.43 23.28 29.47
C ASP A 102 -12.69 24.60 29.66
N ASP A 103 -11.64 24.89 28.88
CA ASP A 103 -10.88 26.13 28.99
C ASP A 103 -11.10 27.07 27.81
N GLY A 104 -12.01 26.75 26.90
CA GLY A 104 -12.29 27.58 25.76
C GLY A 104 -11.66 27.07 24.49
N THR A 105 -11.43 27.99 23.55
CA THR A 105 -10.93 27.59 22.24
C THR A 105 -10.02 28.67 21.64
N TYR A 106 -8.95 28.21 20.99
CA TYR A 106 -8.08 29.06 20.19
C TYR A 106 -8.50 28.97 18.73
N LYS A 107 -8.61 30.13 18.07
CA LYS A 107 -8.76 30.21 16.62
C LYS A 107 -7.54 30.93 16.08
N THR A 108 -6.83 30.29 15.15
CA THR A 108 -5.55 30.81 14.67
C THR A 108 -5.50 30.73 13.15
N ARG A 109 -4.88 31.73 12.54
CA ARG A 109 -4.61 31.72 11.11
C ARG A 109 -3.20 32.23 10.88
N ALA A 110 -2.39 31.46 10.14
CA ALA A 110 -1.00 31.78 9.91
C ALA A 110 -0.69 31.67 8.42
N GLU A 111 0.30 32.45 7.98
CA GLU A 111 0.79 32.41 6.62
C GLU A 111 2.30 32.19 6.66
N VAL A 112 2.78 31.17 5.96
CA VAL A 112 4.16 30.74 5.98
C VAL A 112 4.77 31.02 4.61
N LYS A 113 5.89 31.74 4.58
CA LYS A 113 6.49 32.14 3.31
C LYS A 113 7.98 32.38 3.51
N PHE A 114 8.62 32.87 2.46
CA PHE A 114 10.02 33.31 2.49
C PHE A 114 10.13 34.80 2.23
N GLU A 115 10.99 35.46 3.00
CA GLU A 115 11.46 36.81 2.72
C GLU A 115 12.97 36.73 2.55
N GLY A 116 13.44 37.10 1.37
CA GLY A 116 14.85 36.90 1.07
C GLY A 116 15.17 35.42 1.12
N ASP A 117 16.04 35.03 2.06
CA ASP A 117 16.38 33.63 2.28
C ASP A 117 15.95 33.17 3.67
N THR A 118 15.02 33.88 4.31
CA THR A 118 14.60 33.58 5.66
C THR A 118 13.13 33.21 5.67
N LEU A 119 12.81 32.08 6.31
CA LEU A 119 11.41 31.70 6.49
C LEU A 119 10.74 32.68 7.45
N VAL A 120 9.51 33.07 7.11
CA VAL A 120 8.76 34.03 7.91
C VAL A 120 7.33 33.55 8.04
N ASN A 121 6.71 33.89 9.18
CA ASN A 121 5.35 33.50 9.48
C ASN A 121 4.58 34.71 10.00
N ARG A 122 3.38 34.91 9.46
CA ARG A 122 2.46 35.93 9.97
C ARG A 122 1.28 35.20 10.58
N ILE A 123 1.18 35.22 11.91
CA ILE A 123 0.17 34.47 12.62
C ILE A 123 -0.74 35.42 13.38
N GLU A 124 -2.00 35.02 13.51
CA GLU A 124 -3.00 35.75 14.27
C GLU A 124 -3.80 34.76 15.09
N LEU A 125 -4.05 35.10 16.36
CA LEU A 125 -4.70 34.20 17.30
C LEU A 125 -5.86 34.92 17.98
N LYS A 126 -6.83 34.13 18.43
CA LYS A 126 -7.99 34.65 19.16
C LYS A 126 -8.46 33.59 20.14
N GLY A 127 -8.92 34.03 21.31
CA GLY A 127 -9.44 33.13 22.34
C GLY A 127 -10.93 33.37 22.54
N ILE A 128 -11.67 32.27 22.67
CA ILE A 128 -13.12 32.34 22.82
C ILE A 128 -13.58 31.46 23.98
N ASP A 129 -14.64 31.91 24.64
CA ASP A 129 -15.31 31.24 25.76
C ASP A 129 -14.32 30.49 26.66
N PHE A 130 -13.40 31.25 27.23
CA PHE A 130 -12.44 30.70 28.17
C PHE A 130 -13.05 30.58 29.56
N LYS A 131 -12.42 29.76 30.40
CA LYS A 131 -12.79 29.59 31.79
C LYS A 131 -11.69 30.15 32.67
N GLU A 132 -12.03 31.14 33.51
CA GLU A 132 -11.01 31.86 34.25
C GLU A 132 -10.33 30.97 35.29
N ASP A 133 -11.09 30.09 35.95
CA ASP A 133 -10.54 29.24 36.99
C ASP A 133 -10.06 27.89 36.45
N GLY A 134 -9.88 27.77 35.13
CA GLY A 134 -9.39 26.55 34.54
C GLY A 134 -7.89 26.40 34.70
N ASN A 135 -7.39 25.30 34.13
CA ASN A 135 -5.96 25.02 34.22
C ASN A 135 -5.14 26.07 33.46
N ILE A 136 -5.66 26.53 32.33
CA ILE A 136 -4.91 27.45 31.47
C ILE A 136 -4.98 28.87 32.01
N LEU A 137 -6.18 29.37 32.28
CA LEU A 137 -6.32 30.72 32.80
C LEU A 137 -5.71 30.85 34.19
N GLY A 138 -5.55 29.74 34.91
CA GLY A 138 -4.87 29.72 36.19
C GLY A 138 -3.37 29.59 36.11
N HIS A 139 -2.82 29.45 34.91
CA HIS A 139 -1.37 29.33 34.70
C HIS A 139 -0.80 28.14 35.47
N LYS A 140 -1.58 27.08 35.62
CA LYS A 140 -1.12 25.86 36.29
C LYS A 140 -0.29 24.97 35.38
N LEU A 141 -0.20 25.29 34.09
CA LEU A 141 0.54 24.46 33.15
C LEU A 141 2.03 24.50 33.47
N GLU A 142 2.67 23.33 33.46
CA GLU A 142 4.10 23.25 33.69
C GLU A 142 4.86 23.83 32.50
N TYR A 143 6.04 24.38 32.78
CA TYR A 143 6.85 24.99 31.73
C TYR A 143 7.27 23.96 30.70
N ASN A 144 7.61 22.74 31.15
CA ASN A 144 8.05 21.70 30.23
C ASN A 144 6.95 21.33 29.24
N PHE A 145 7.36 20.95 28.03
CA PHE A 145 6.45 20.59 26.95
C PHE A 145 6.73 19.16 26.53
N ASN A 146 5.67 18.39 26.32
CA ASN A 146 5.79 16.98 25.97
C ASN A 146 5.95 16.79 24.46
N SER A 147 6.42 15.61 24.09
CA SER A 147 6.50 15.22 22.69
C SER A 147 5.14 14.75 22.19
N HIS A 148 4.86 15.01 20.91
CA HIS A 148 3.52 14.79 20.39
C HIS A 148 3.61 14.33 18.94
N ASN A 149 2.53 13.69 18.49
CA ASN A 149 2.40 13.20 17.12
C ASN A 149 1.31 13.99 16.41
N VAL A 150 1.61 14.49 15.22
CA VAL A 150 0.68 15.27 14.42
C VAL A 150 0.32 14.47 13.19
N TYR A 151 -0.95 14.07 13.06
CA TYR A 151 -1.39 13.27 11.93
C TYR A 151 -1.86 14.18 10.80
N ILE A 152 -1.51 13.83 9.56
CA ILE A 152 -1.79 14.68 8.40
C ILE A 152 -2.38 13.81 7.30
N THR A 153 -3.47 14.30 6.70
CA THR A 153 -4.20 13.62 5.64
C THR A 153 -4.52 14.62 4.55
N ALA A 154 -4.27 14.26 3.29
CA ALA A 154 -4.49 15.19 2.19
C ALA A 154 -5.97 15.22 1.78
N ASP A 155 -6.48 16.42 1.53
CA ASP A 155 -7.79 16.62 0.94
C ASP A 155 -7.65 17.25 -0.44
N LYS A 156 -8.25 16.59 -1.44
CA LYS A 156 -8.09 17.01 -2.83
C LYS A 156 -8.95 18.21 -3.17
N GLN A 157 -10.14 18.33 -2.58
CA GLN A 157 -11.04 19.41 -2.94
C GLN A 157 -10.38 20.77 -2.74
N LYS A 158 -9.72 20.96 -1.60
CA LYS A 158 -8.94 22.16 -1.34
C LYS A 158 -7.47 21.98 -1.68
N ASN A 159 -7.11 20.87 -2.34
CA ASN A 159 -5.72 20.52 -2.68
C ASN A 159 -4.76 20.93 -1.55
N GLY A 160 -5.16 20.58 -0.33
CA GLY A 160 -4.38 20.90 0.84
C GLY A 160 -4.24 19.67 1.73
N ILE A 161 -3.68 19.89 2.91
CA ILE A 161 -3.58 18.83 3.92
C ILE A 161 -4.29 19.27 5.19
N LYS A 162 -5.22 18.43 5.65
CA LYS A 162 -5.90 18.63 6.92
C LYS A 162 -5.15 17.83 7.98
N ALA A 163 -4.84 18.46 9.11
CA ALA A 163 -4.09 17.81 10.17
C ALA A 163 -4.95 17.71 11.43
N ASN A 164 -4.77 16.60 12.14
CA ASN A 164 -5.47 16.32 13.38
C ASN A 164 -4.43 15.94 14.42
N PHE A 165 -4.59 16.45 15.64
CA PHE A 165 -3.70 15.93 16.68
C PHE A 165 -4.14 16.39 18.06
N LYS A 166 -3.88 15.54 19.05
CA LYS A 166 -4.20 15.83 20.44
C LYS A 166 -2.91 16.18 21.18
N ILE A 167 -2.92 17.30 21.88
CA ILE A 167 -1.77 17.81 22.63
C ILE A 167 -2.04 17.66 24.12
N ARG A 168 -1.03 17.18 24.84
CA ARG A 168 -1.11 16.96 26.28
C ARG A 168 -0.19 17.94 26.98
N HIS A 169 -0.72 18.66 27.96
CA HIS A 169 0.04 19.61 28.76
C HIS A 169 0.08 19.11 30.21
N ASN A 170 1.28 19.15 30.79
CA ASN A 170 1.45 18.79 32.19
C ASN A 170 1.04 19.96 33.08
N VAL A 171 0.48 19.62 34.24
CA VAL A 171 -0.03 20.62 35.18
C VAL A 171 0.71 20.46 36.50
N GLU A 172 0.86 21.58 37.21
CA GLU A 172 1.57 21.54 38.49
C GLU A 172 0.89 20.60 39.48
N ASP A 173 -0.43 20.64 39.56
CA ASP A 173 -1.13 19.79 40.51
C ASP A 173 -0.89 18.31 40.18
N GLY A 174 -0.93 17.96 38.89
CA GLY A 174 -0.69 16.58 38.49
C GLY A 174 -1.57 16.15 37.34
N SER A 175 -2.65 16.87 37.09
CA SER A 175 -3.56 16.54 36.00
C SER A 175 -2.89 16.79 34.66
N VAL A 176 -3.37 16.07 33.65
CA VAL A 176 -2.90 16.20 32.27
C VAL A 176 -4.02 16.82 31.46
N GLN A 177 -3.76 17.97 30.86
CA GLN A 177 -4.76 18.70 30.08
C GLN A 177 -4.66 18.28 28.63
N LEU A 178 -5.78 17.80 28.08
CA LEU A 178 -5.84 17.30 26.71
C LEU A 178 -6.57 18.31 25.84
N ALA A 179 -5.96 18.63 24.69
CA ALA A 179 -6.53 19.55 23.73
C ALA A 179 -6.58 18.87 22.37
N ASP A 180 -7.63 19.13 21.60
CA ASP A 180 -7.74 18.57 20.25
C ASP A 180 -7.59 19.68 19.21
N HIS A 181 -6.70 19.45 18.24
CA HIS A 181 -6.30 20.46 17.27
C HIS A 181 -6.74 20.02 15.89
N TYR A 182 -7.58 20.85 15.26
CA TYR A 182 -8.03 20.70 13.89
C TYR A 182 -7.30 21.76 13.06
N GLN A 183 -6.68 21.33 11.95
CA GLN A 183 -5.84 22.23 11.18
C GLN A 183 -6.08 22.02 9.69
N GLN A 184 -5.97 23.10 8.93
CA GLN A 184 -6.06 23.05 7.48
C GLN A 184 -4.89 23.82 6.88
N ASN A 185 -4.21 23.22 5.91
CA ASN A 185 -3.08 23.83 5.23
C ASN A 185 -3.40 23.89 3.74
N THR A 186 -3.55 25.11 3.22
CA THR A 186 -3.90 25.40 1.84
C THR A 186 -2.73 26.05 1.12
N PRO A 187 -2.41 25.65 -0.11
CA PRO A 187 -1.27 26.24 -0.82
C PRO A 187 -1.60 27.64 -1.35
N ILE A 188 -0.64 28.54 -1.18
CA ILE A 188 -0.79 29.89 -1.73
C ILE A 188 -0.45 29.89 -3.22
N GLY A 189 0.62 29.20 -3.60
CA GLY A 189 1.00 29.17 -5.00
C GLY A 189 0.08 28.29 -5.82
N ASP A 190 0.00 28.61 -7.12
CA ASP A 190 -0.82 27.86 -8.06
C ASP A 190 -0.06 26.72 -8.72
N GLY A 191 1.21 26.53 -8.40
CA GLY A 191 1.99 25.48 -9.00
C GLY A 191 1.60 24.12 -8.49
N PRO A 192 2.20 23.08 -9.07
CA PRO A 192 1.87 21.70 -8.66
C PRO A 192 2.30 21.45 -7.22
N VAL A 193 1.32 21.12 -6.38
CA VAL A 193 1.56 20.84 -4.97
C VAL A 193 1.60 19.33 -4.77
N LEU A 194 2.53 18.87 -3.94
CA LEU A 194 2.73 17.44 -3.71
C LEU A 194 1.81 17.00 -2.56
N LEU A 195 0.64 16.50 -2.92
CA LEU A 195 -0.32 16.06 -1.91
C LEU A 195 0.14 14.74 -1.31
N PRO A 196 0.30 14.64 0.02
CA PRO A 196 0.86 13.42 0.61
C PRO A 196 -0.20 12.44 1.07
N ASP A 197 0.22 11.17 1.11
CA ASP A 197 -0.57 10.16 1.79
C ASP A 197 -0.48 10.37 3.30
N ASN A 198 -1.37 9.71 4.03
CA ASN A 198 -1.47 9.92 5.47
C ASN A 198 -0.12 9.70 6.13
N HIS A 199 0.31 10.63 6.98
CA HIS A 199 1.54 10.42 7.73
C HIS A 199 1.49 11.20 9.04
N TYR A 200 2.27 10.73 10.01
CA TYR A 200 2.34 11.37 11.33
C TYR A 200 3.75 11.89 11.56
N LEU A 201 3.85 13.14 12.00
CA LEU A 201 5.12 13.75 12.34
C LEU A 201 5.31 13.69 13.85
N SER A 202 6.41 13.08 14.29
CA SER A 202 6.77 13.03 15.69
C SER A 202 7.61 14.26 16.03
N THR A 203 7.22 14.96 17.10
CA THR A 203 7.86 16.21 17.49
C THR A 203 8.28 16.08 18.95
N GLN A 204 9.58 16.26 19.21
CA GLN A 204 10.12 16.22 20.55
C GLN A 204 10.77 17.56 20.85
N SER A 205 10.27 18.27 21.85
CA SER A 205 10.64 19.65 22.12
C SER A 205 11.12 19.82 23.54
N VAL A 206 11.95 20.84 23.74
CA VAL A 206 12.42 21.23 25.06
C VAL A 206 12.35 22.74 25.19
N LEU A 207 11.84 23.21 26.32
CA LEU A 207 11.75 24.63 26.63
C LEU A 207 12.74 24.96 27.74
N SER A 208 13.42 26.10 27.60
CA SER A 208 14.42 26.53 28.56
C SER A 208 14.41 28.05 28.64
N LYS A 209 15.04 28.58 29.69
CA LYS A 209 15.08 30.01 29.96
C LYS A 209 16.53 30.44 30.10
N ASP A 210 16.96 31.35 29.24
CA ASP A 210 18.33 31.86 29.31
C ASP A 210 18.50 32.74 30.54
N PRO A 211 19.72 32.83 31.09
CA PRO A 211 19.91 33.69 32.27
C PRO A 211 19.77 35.17 31.97
N ASN A 212 20.30 35.63 30.83
CA ASN A 212 20.53 37.06 30.62
C ASN A 212 19.22 37.84 30.52
N GLU A 213 18.31 37.40 29.66
CA GLU A 213 17.19 38.24 29.25
C GLU A 213 16.20 38.43 30.38
N LYS A 214 15.81 39.69 30.62
CA LYS A 214 14.74 39.99 31.56
C LYS A 214 13.38 39.61 30.99
N ARG A 215 13.14 39.94 29.72
CA ARG A 215 11.88 39.53 29.11
C ARG A 215 11.88 38.02 28.93
N ASP A 216 10.69 37.44 28.81
CA ASP A 216 10.56 35.99 28.78
C ASP A 216 11.40 35.41 27.65
N HIS A 217 12.29 34.48 28.00
CA HIS A 217 13.21 33.92 27.02
C HIS A 217 12.50 33.00 26.04
N MET A 218 11.79 32.00 26.54
CA MET A 218 11.08 31.05 25.70
C MET A 218 12.02 30.39 24.70
N VAL A 219 13.15 29.90 25.19
CA VAL A 219 14.05 29.13 24.35
C VAL A 219 13.40 27.79 24.03
N LEU A 220 13.39 27.43 22.75
CA LEU A 220 12.71 26.20 22.32
C LEU A 220 13.64 25.46 21.35
N LEU A 221 14.08 24.28 21.76
CA LEU A 221 14.88 23.39 20.92
C LEU A 221 14.04 22.16 20.61
N GLU A 222 13.70 21.95 19.34
CA GLU A 222 12.79 20.88 18.96
C GLU A 222 13.37 20.09 17.79
N PHE A 223 12.97 18.84 17.70
CA PHE A 223 13.35 17.95 16.62
C PHE A 223 12.11 17.22 16.12
N VAL A 224 11.90 17.28 14.80
CA VAL A 224 10.71 16.73 14.17
C VAL A 224 11.13 15.71 13.12
N THR A 225 10.47 14.55 13.11
CA THR A 225 10.74 13.50 12.14
C THR A 225 9.42 13.01 11.57
N ALA A 226 9.32 12.97 10.25
CA ALA A 226 8.15 12.39 9.60
C ALA A 226 8.17 10.87 9.75
N ALA A 227 6.99 10.26 9.74
CA ALA A 227 6.89 8.82 9.87
C ALA A 227 5.51 8.38 9.41
N GLY A 228 5.33 7.07 9.29
CA GLY A 228 4.08 6.48 8.88
C GLY A 228 3.96 6.17 7.41
N ILE A 229 5.02 6.38 6.62
CA ILE A 229 5.01 6.04 5.21
C ILE A 229 6.35 5.45 4.82
N GLN B 1 21.03 8.73 29.96
CA GLN B 1 21.06 9.80 31.01
C GLN B 1 19.99 9.56 32.05
N VAL B 2 18.73 9.62 31.63
CA VAL B 2 17.58 9.42 32.50
C VAL B 2 16.79 8.23 32.00
N GLN B 3 16.52 7.28 32.89
CA GLN B 3 15.77 6.09 32.55
C GLN B 3 14.76 5.79 33.66
N LEU B 4 13.68 5.09 33.28
CA LEU B 4 12.62 4.74 34.19
C LEU B 4 12.37 3.24 34.13
N VAL B 5 12.16 2.62 35.28
CA VAL B 5 11.86 1.19 35.35
C VAL B 5 10.58 0.99 36.14
N GLU B 6 9.63 0.27 35.55
CA GLU B 6 8.33 0.03 36.15
C GLU B 6 8.19 -1.46 36.44
N ASN B 7 7.72 -1.78 37.65
CA ASN B 7 7.58 -3.17 38.06
C ASN B 7 6.36 -3.31 38.97
N GLY B 8 6.05 -4.56 39.30
CA GLY B 8 4.93 -4.88 40.15
C GLY B 8 3.63 -5.18 39.43
N GLY B 9 3.59 -5.01 38.11
CA GLY B 9 2.39 -5.35 37.36
C GLY B 9 2.03 -6.81 37.50
N ALA B 10 0.76 -7.10 37.79
CA ALA B 10 0.33 -8.47 38.01
C ALA B 10 -1.18 -8.56 37.79
N CYS B 11 -1.65 -9.79 37.62
CA CYS B 11 -3.06 -10.06 37.40
C CYS B 11 -3.80 -10.10 38.73
N VAL B 12 -4.97 -9.46 38.77
CA VAL B 12 -5.74 -9.33 40.01
C VAL B 12 -7.22 -9.49 39.69
N LYS B 13 -7.90 -10.33 40.46
CA LYS B 13 -9.34 -10.46 40.35
C LYS B 13 -10.01 -9.23 40.94
N PRO B 14 -11.28 -8.98 40.60
CA PRO B 14 -11.97 -7.80 41.15
C PRO B 14 -11.99 -7.84 42.67
N GLY B 15 -11.81 -6.67 43.27
CA GLY B 15 -11.75 -6.54 44.71
C GLY B 15 -10.38 -6.73 45.32
N GLY B 16 -9.38 -7.13 44.52
CA GLY B 16 -8.02 -7.24 45.00
C GLY B 16 -7.33 -5.89 45.06
N SER B 17 -6.07 -5.93 45.49
CA SER B 17 -5.24 -4.74 45.57
C SER B 17 -3.89 -5.00 44.92
N LEU B 18 -3.43 -4.06 44.10
CA LEU B 18 -2.14 -4.15 43.42
C LEU B 18 -1.41 -2.83 43.51
N ARG B 19 -0.09 -2.89 43.62
CA ARG B 19 0.75 -1.70 43.70
C ARG B 19 1.82 -1.76 42.61
N LEU B 20 1.88 -0.70 41.81
CA LEU B 20 2.88 -0.56 40.76
C LEU B 20 3.97 0.40 41.25
N SER B 21 5.23 0.00 41.05
CA SER B 21 6.38 0.76 41.53
C SER B 21 7.20 1.25 40.35
N CYS B 22 7.45 2.57 40.31
CA CYS B 22 8.24 3.21 39.27
C CYS B 22 9.49 3.79 39.90
N ALA B 23 10.65 3.21 39.58
CA ALA B 23 11.93 3.71 40.02
C ALA B 23 12.60 4.53 38.92
N ALA B 24 13.36 5.53 39.34
CA ALA B 24 13.89 6.55 38.44
C ALA B 24 15.40 6.66 38.59
N SER B 25 16.05 7.13 37.52
CA SER B 25 17.49 7.32 37.49
C SER B 25 17.79 8.64 36.79
N GLY B 26 18.92 9.24 37.18
CA GLY B 26 19.40 10.44 36.52
C GLY B 26 18.78 11.74 36.98
N PHE B 27 17.95 11.72 38.02
CA PHE B 27 17.33 12.95 38.50
C PHE B 27 16.70 12.71 39.88
N PRO B 28 16.65 13.74 40.74
CA PRO B 28 15.94 13.57 42.01
C PRO B 28 14.44 13.56 41.80
N VAL B 29 13.76 12.67 42.54
CA VAL B 29 12.32 12.52 42.36
C VAL B 29 11.56 13.69 43.00
N ASN B 30 12.07 14.23 44.11
CA ASN B 30 11.34 15.29 44.80
C ASN B 30 11.25 16.56 43.96
N ARG B 31 12.33 16.92 43.27
CA ARG B 31 12.36 18.19 42.55
C ARG B 31 11.43 18.21 41.33
N TYR B 32 10.92 17.06 40.90
CA TYR B 32 10.18 16.97 39.65
C TYR B 32 8.92 16.15 39.83
N SER B 33 7.83 16.60 39.21
CA SER B 33 6.55 15.95 39.31
C SER B 33 6.53 14.67 38.48
N MET B 34 5.61 13.77 38.83
CA MET B 34 5.48 12.47 38.18
C MET B 34 4.04 12.26 37.75
N ARG B 35 3.85 11.38 36.76
CA ARG B 35 2.50 11.07 36.29
C ARG B 35 2.44 9.60 35.89
N TRP B 36 1.22 9.08 35.84
CA TRP B 36 0.94 7.74 35.37
C TRP B 36 -0.07 7.82 34.23
N TYR B 37 0.22 7.13 33.14
CA TYR B 37 -0.67 7.10 31.98
C TYR B 37 -1.19 5.68 31.79
N ARG B 38 -2.43 5.57 31.32
CA ARG B 38 -3.08 4.30 31.08
C ARG B 38 -3.39 4.17 29.61
N GLN B 39 -2.98 3.06 29.00
CA GLN B 39 -3.19 2.83 27.58
C GLN B 39 -3.76 1.43 27.37
N ALA B 40 -4.98 1.35 26.86
CA ALA B 40 -5.56 0.07 26.49
C ALA B 40 -5.02 -0.37 25.13
N PRO B 41 -5.02 -1.67 24.86
CA PRO B 41 -4.49 -2.15 23.57
C PRO B 41 -5.32 -1.63 22.40
N GLY B 42 -4.69 -0.81 21.57
CA GLY B 42 -5.35 -0.27 20.40
C GLY B 42 -6.20 0.96 20.65
N LYS B 43 -6.11 1.56 21.83
CA LYS B 43 -6.88 2.75 22.17
C LYS B 43 -5.94 3.89 22.54
N GLU B 44 -6.52 5.07 22.72
CA GLU B 44 -5.74 6.26 23.04
C GLU B 44 -5.29 6.25 24.49
N ARG B 45 -4.08 6.73 24.73
CA ARG B 45 -3.55 6.81 26.09
C ARG B 45 -4.34 7.83 26.90
N GLU B 46 -4.58 7.50 28.18
CA GLU B 46 -5.33 8.37 29.08
C GLU B 46 -4.60 8.46 30.41
N TRP B 47 -4.51 9.68 30.93
CA TRP B 47 -3.88 9.90 32.23
C TRP B 47 -4.79 9.41 33.35
N VAL B 48 -4.18 8.90 34.43
CA VAL B 48 -4.91 8.33 35.55
C VAL B 48 -4.55 9.03 36.87
N ALA B 49 -3.25 9.17 37.15
CA ALA B 49 -2.81 9.71 38.44
C ALA B 49 -1.61 10.62 38.22
N GLY B 50 -1.40 11.54 39.16
CA GLY B 50 -0.28 12.45 39.07
C GLY B 50 0.12 13.08 40.38
N MET B 51 1.43 13.17 40.63
CA MET B 51 1.98 13.79 41.82
C MET B 51 2.73 15.06 41.43
N SER B 52 2.45 16.15 42.12
CA SER B 52 3.16 17.40 41.88
C SER B 52 4.62 17.26 42.32
N SER B 53 5.41 18.30 42.01
CA SER B 53 6.81 18.29 42.38
C SER B 53 6.98 18.23 43.90
N ALA B 54 6.31 19.13 44.62
CA ALA B 54 6.43 19.14 46.07
C ALA B 54 5.85 17.89 46.71
N GLY B 55 4.94 17.19 46.02
CA GLY B 55 4.32 16.01 46.56
C GLY B 55 3.17 16.27 47.50
N ASP B 56 2.83 17.54 47.76
CA ASP B 56 1.73 17.85 48.66
C ASP B 56 0.37 17.65 47.99
N ARG B 57 0.28 17.90 46.68
CA ARG B 57 -0.97 17.82 45.94
C ARG B 57 -0.89 16.68 44.93
N SER B 58 -1.93 15.86 44.89
CA SER B 58 -2.03 14.76 43.93
C SER B 58 -3.38 14.82 43.24
N SER B 59 -3.41 14.33 42.00
CA SER B 59 -4.62 14.37 41.19
C SER B 59 -4.89 13.00 40.60
N TYR B 60 -6.17 12.70 40.37
CA TYR B 60 -6.61 11.44 39.81
C TYR B 60 -7.66 11.72 38.74
N GLU B 61 -7.95 10.69 37.93
CA GLU B 61 -9.01 10.80 36.94
C GLU B 61 -10.36 10.52 37.58
N ASP B 62 -11.42 10.86 36.85
CA ASP B 62 -12.77 10.71 37.39
C ASP B 62 -13.19 9.25 37.44
N SER B 63 -12.77 8.44 36.47
CA SER B 63 -13.19 7.05 36.42
C SER B 63 -12.78 6.30 37.68
N VAL B 64 -11.54 6.48 38.11
CA VAL B 64 -11.00 5.79 39.28
C VAL B 64 -10.88 6.74 40.46
N LYS B 65 -11.60 7.86 40.44
CA LYS B 65 -11.48 8.85 41.50
C LYS B 65 -11.80 8.21 42.85
N GLY B 66 -10.94 8.45 43.84
CA GLY B 66 -11.10 7.89 45.16
C GLY B 66 -10.76 6.42 45.28
N ARG B 67 -10.56 5.72 44.17
CA ARG B 67 -10.22 4.31 44.20
C ARG B 67 -8.76 4.04 43.88
N PHE B 68 -8.00 5.04 43.45
CA PHE B 68 -6.57 4.91 43.20
C PHE B 68 -5.81 5.77 44.20
N THR B 69 -4.58 5.37 44.51
CA THR B 69 -3.72 6.14 45.39
C THR B 69 -2.34 6.24 44.77
N ILE B 70 -1.60 7.29 45.13
CA ILE B 70 -0.25 7.50 44.60
C ILE B 70 0.60 8.13 45.68
N SER B 71 1.86 7.71 45.76
CA SER B 71 2.78 8.19 46.78
C SER B 71 4.19 8.15 46.24
N ARG B 72 5.11 8.79 46.97
CA ARG B 72 6.51 8.90 46.55
C ARG B 72 7.40 8.61 47.74
N ASP B 73 8.64 8.21 47.46
CA ASP B 73 9.63 7.95 48.49
C ASP B 73 11.01 8.34 47.96
N ASP B 74 11.70 9.21 48.68
CA ASP B 74 13.00 9.70 48.26
C ASP B 74 14.15 8.79 48.69
N ALA B 75 14.05 8.17 49.86
CA ALA B 75 15.11 7.30 50.33
C ALA B 75 15.36 6.17 49.33
N ARG B 76 14.29 5.53 48.86
CA ARG B 76 14.39 4.51 47.83
C ARG B 76 14.35 5.09 46.43
N ASN B 77 14.02 6.38 46.27
CA ASN B 77 13.95 7.03 44.97
C ASN B 77 12.98 6.28 44.06
N THR B 78 11.72 6.24 44.47
CA THR B 78 10.72 5.46 43.76
C THR B 78 9.33 5.95 44.14
N VAL B 79 8.42 5.92 43.17
CA VAL B 79 7.02 6.26 43.40
C VAL B 79 6.19 4.99 43.30
N TYR B 80 5.03 5.01 43.94
CA TYR B 80 4.14 3.86 44.02
C TYR B 80 2.72 4.31 43.70
N LEU B 81 1.95 3.42 43.09
CA LEU B 81 0.56 3.68 42.78
C LEU B 81 -0.25 2.44 43.13
N GLN B 82 -1.27 2.61 43.98
CA GLN B 82 -2.09 1.53 44.50
C GLN B 82 -3.44 1.52 43.80
N MET B 83 -3.81 0.34 43.27
CA MET B 83 -5.07 0.18 42.56
C MET B 83 -6.26 0.17 43.51
N ASN B 84 -6.09 -0.36 44.72
CA ASN B 84 -7.19 -0.64 45.64
C ASN B 84 -8.14 -1.59 44.91
N SER B 85 -9.46 -1.39 44.97
CA SER B 85 -10.38 -2.30 44.31
C SER B 85 -10.19 -2.25 42.80
N LEU B 86 -10.37 -3.40 42.15
CA LEU B 86 -10.16 -3.54 40.71
C LEU B 86 -11.48 -3.73 39.99
N LYS B 87 -11.57 -3.15 38.80
CA LYS B 87 -12.74 -3.25 37.93
C LYS B 87 -12.25 -3.55 36.52
N PRO B 88 -13.06 -4.22 35.70
CA PRO B 88 -12.60 -4.57 34.33
C PRO B 88 -12.22 -3.36 33.49
N GLU B 89 -12.50 -2.14 33.95
CA GLU B 89 -12.10 -0.94 33.22
C GLU B 89 -10.64 -0.56 33.45
N ASP B 90 -9.92 -1.31 34.28
CA ASP B 90 -8.52 -1.06 34.58
C ASP B 90 -7.58 -1.87 33.70
N THR B 91 -8.09 -2.52 32.66
CA THR B 91 -7.31 -3.41 31.80
C THR B 91 -6.54 -2.59 30.78
N ALA B 92 -5.39 -2.08 31.19
CA ALA B 92 -4.54 -1.30 30.30
C ALA B 92 -3.13 -1.22 30.89
N VAL B 93 -2.15 -0.99 30.03
CA VAL B 93 -0.77 -0.84 30.48
C VAL B 93 -0.62 0.50 31.18
N TYR B 94 0.20 0.53 32.22
CA TYR B 94 0.39 1.70 33.07
C TYR B 94 1.82 2.20 32.91
N TYR B 95 1.98 3.24 32.10
CA TYR B 95 3.28 3.86 31.88
C TYR B 95 3.56 4.93 32.92
N CYS B 96 4.83 5.09 33.25
CA CYS B 96 5.29 6.06 34.23
C CYS B 96 6.00 7.20 33.49
N ASN B 97 5.43 8.40 33.58
CA ASN B 97 5.89 9.55 32.80
C ASN B 97 6.49 10.59 33.72
N VAL B 98 7.77 10.89 33.51
CA VAL B 98 8.44 12.04 34.13
C VAL B 98 9.62 12.44 33.24
N ASN B 99 9.68 13.73 32.91
CA ASN B 99 10.79 14.27 32.13
C ASN B 99 11.38 15.48 32.85
N VAL B 100 12.68 15.42 33.14
CA VAL B 100 13.40 16.62 33.57
C VAL B 100 13.45 17.63 32.44
N GLY B 101 13.80 17.15 31.24
CA GLY B 101 13.62 17.89 30.01
C GLY B 101 13.29 16.86 28.95
N PHE B 102 12.83 17.34 27.80
CA PHE B 102 12.44 16.42 26.74
C PHE B 102 11.23 15.63 27.21
N GLU B 103 10.96 14.48 26.59
CA GLU B 103 9.91 13.58 27.05
C GLU B 103 10.52 12.21 27.31
N TYR B 104 10.21 11.62 28.47
CA TYR B 104 10.75 10.34 28.88
C TYR B 104 9.60 9.40 29.20
N TRP B 105 9.36 8.43 28.32
CA TRP B 105 8.32 7.43 28.54
C TRP B 105 8.91 6.22 29.24
N GLY B 106 8.31 5.83 30.37
CA GLY B 106 8.73 4.64 31.05
C GLY B 106 8.29 3.38 30.34
N GLN B 107 8.99 2.28 30.65
CA GLN B 107 8.64 1.00 30.05
C GLN B 107 7.22 0.58 30.43
N GLY B 108 6.83 0.85 31.67
CA GLY B 108 5.48 0.59 32.12
C GLY B 108 5.30 -0.82 32.66
N THR B 109 4.13 -1.04 33.26
CA THR B 109 3.75 -2.34 33.82
C THR B 109 2.36 -2.71 33.28
N GLN B 110 2.25 -3.90 32.73
CA GLN B 110 1.03 -4.36 32.08
C GLN B 110 0.14 -5.04 33.12
N VAL B 111 -1.06 -4.51 33.33
CA VAL B 111 -1.99 -5.02 34.33
C VAL B 111 -3.37 -5.16 33.69
N MET B 112 -4.11 -6.17 34.12
CA MET B 112 -5.46 -6.39 33.61
C MET B 112 -6.21 -7.30 34.57
N VAL B 113 -7.47 -6.93 34.84
CA VAL B 113 -8.28 -7.67 35.80
C VAL B 113 -8.65 -9.04 35.25
N SER B 114 -9.09 -9.09 33.99
CA SER B 114 -9.58 -10.33 33.39
C SER B 114 -10.75 -10.89 34.18
N GLN C 4 -8.97 -0.72 2.50
CA GLN C 4 -8.07 -1.02 3.65
C GLN C 4 -8.49 -2.31 4.34
N VAL C 5 -7.62 -2.81 5.21
CA VAL C 5 -7.87 -4.02 5.98
C VAL C 5 -7.73 -3.69 7.45
N GLN C 6 -8.77 -3.99 8.23
CA GLN C 6 -8.78 -3.71 9.67
C GLN C 6 -8.55 -5.03 10.41
N LEU C 7 -7.35 -5.22 10.92
CA LEU C 7 -7.01 -6.39 11.70
C LEU C 7 -7.49 -6.20 13.14
N VAL C 8 -8.17 -7.21 13.67
CA VAL C 8 -8.76 -7.15 15.01
C VAL C 8 -8.21 -8.31 15.83
N GLU C 9 -7.79 -8.02 17.05
CA GLU C 9 -7.27 -9.01 17.98
C GLU C 9 -8.34 -9.40 18.99
N ASN C 10 -8.20 -10.60 19.54
CA ASN C 10 -9.14 -11.10 20.53
C ASN C 10 -8.50 -12.25 21.29
N GLY C 11 -9.12 -12.62 22.42
CA GLY C 11 -8.72 -13.79 23.16
C GLY C 11 -7.72 -13.56 24.27
N GLY C 12 -7.19 -12.35 24.40
CA GLY C 12 -6.25 -12.07 25.48
C GLY C 12 -6.86 -12.31 26.84
N GLY C 13 -6.23 -13.19 27.63
CA GLY C 13 -6.79 -13.54 28.92
C GLY C 13 -5.70 -13.82 29.94
N CYS C 14 -6.07 -13.66 31.21
CA CYS C 14 -5.15 -13.89 32.32
C CYS C 14 -5.14 -15.37 32.68
N VAL C 15 -3.98 -16.00 32.54
CA VAL C 15 -3.80 -17.41 32.87
C VAL C 15 -2.61 -17.55 33.79
N LYS C 16 -2.77 -18.36 34.84
CA LYS C 16 -1.65 -18.66 35.72
C LYS C 16 -0.62 -19.49 34.99
N ALA C 17 0.58 -19.58 35.59
CA ALA C 17 1.64 -20.36 34.97
C ALA C 17 1.16 -21.79 34.73
N GLY C 18 1.43 -22.29 33.53
CA GLY C 18 0.87 -23.54 33.08
C GLY C 18 -0.50 -23.44 32.45
N GLY C 19 -1.12 -22.26 32.48
CA GLY C 19 -2.39 -22.07 31.82
C GLY C 19 -2.25 -21.91 30.31
N SER C 20 -3.36 -22.10 29.61
CA SER C 20 -3.38 -22.05 28.16
C SER C 20 -4.37 -21.01 27.67
N LEU C 21 -4.00 -20.28 26.62
CA LEU C 21 -4.90 -19.27 26.05
C LEU C 21 -4.67 -19.16 24.55
N ARG C 22 -5.69 -18.70 23.84
CA ARG C 22 -5.66 -18.57 22.39
C ARG C 22 -5.80 -17.11 22.00
N LEU C 23 -4.91 -16.63 21.15
CA LEU C 23 -4.97 -15.28 20.60
C LEU C 23 -5.49 -15.36 19.17
N SER C 24 -6.57 -14.62 18.89
CA SER C 24 -7.22 -14.59 17.60
C SER C 24 -6.90 -13.30 16.88
N CYS C 25 -6.65 -13.40 15.57
CA CYS C 25 -6.31 -12.24 14.75
C CYS C 25 -7.09 -12.36 13.45
N ALA C 26 -8.09 -11.51 13.27
CA ALA C 26 -9.01 -11.60 12.13
C ALA C 26 -8.82 -10.38 11.23
N ALA C 27 -8.74 -10.63 9.92
CA ALA C 27 -8.62 -9.58 8.92
C ALA C 27 -9.97 -9.35 8.24
N SER C 28 -10.32 -8.09 8.08
CA SER C 28 -11.60 -7.69 7.50
C SER C 28 -11.35 -7.00 6.15
N GLY C 29 -12.44 -6.60 5.51
CA GLY C 29 -12.34 -6.07 4.16
C GLY C 29 -12.22 -7.19 3.13
N SER C 30 -11.79 -6.81 1.93
CA SER C 30 -11.61 -7.75 0.83
C SER C 30 -10.13 -8.04 0.65
N ILE C 31 -9.74 -9.29 0.89
CA ILE C 31 -8.36 -9.74 0.74
C ILE C 31 -8.36 -10.92 -0.23
N PHE C 32 -7.51 -10.84 -1.25
CA PHE C 32 -7.32 -11.98 -2.14
C PHE C 32 -6.45 -13.05 -1.49
N SER C 33 -5.43 -12.63 -0.74
CA SER C 33 -4.55 -13.57 -0.06
C SER C 33 -3.61 -12.79 0.85
N ILE C 34 -3.08 -13.48 1.85
CA ILE C 34 -2.09 -12.95 2.78
C ILE C 34 -0.80 -13.74 2.61
N ASN C 35 0.30 -13.03 2.38
CA ASN C 35 1.59 -13.71 2.21
C ASN C 35 1.96 -14.46 3.48
N ARG C 36 1.96 -13.79 4.62
CA ARG C 36 2.29 -14.43 5.89
C ARG C 36 1.78 -13.58 7.03
N MET C 37 1.48 -14.24 8.15
CA MET C 37 1.06 -13.59 9.38
C MET C 37 2.06 -13.96 10.46
N THR C 38 2.69 -12.95 11.06
CA THR C 38 3.70 -13.16 12.09
C THR C 38 3.29 -12.47 13.37
N TRP C 39 3.47 -13.16 14.49
CA TRP C 39 3.18 -12.61 15.80
C TRP C 39 4.44 -11.99 16.39
N TYR C 40 4.28 -10.87 17.10
CA TYR C 40 5.39 -10.14 17.69
C TYR C 40 5.11 -9.89 19.16
N ARG C 41 5.87 -10.55 20.03
CA ARG C 41 5.78 -10.34 21.47
C ARG C 41 6.67 -9.16 21.83
N GLN C 42 6.07 -8.04 22.23
CA GLN C 42 6.81 -6.82 22.56
C GLN C 42 6.67 -6.59 24.06
N ALA C 43 7.74 -6.91 24.80
CA ALA C 43 7.69 -6.74 26.25
C ALA C 43 8.08 -5.32 26.64
N PRO C 44 7.59 -4.83 27.77
CA PRO C 44 7.97 -3.48 28.21
C PRO C 44 9.47 -3.37 28.42
N GLY C 45 10.02 -2.24 27.98
CA GLY C 45 11.44 -2.00 28.18
C GLY C 45 12.35 -2.98 27.44
N LYS C 46 11.82 -3.72 26.47
CA LYS C 46 12.59 -4.69 25.71
C LYS C 46 12.34 -4.49 24.23
N GLU C 47 13.07 -5.23 23.42
CA GLU C 47 12.93 -5.19 21.98
C GLU C 47 11.89 -6.21 21.52
N ARG C 48 11.08 -5.82 20.55
CA ARG C 48 10.06 -6.72 20.03
C ARG C 48 10.70 -8.00 19.50
N GLU C 49 10.10 -9.13 19.85
CA GLU C 49 10.64 -10.45 19.51
C GLU C 49 9.63 -11.21 18.67
N TRP C 50 10.07 -11.71 17.52
CA TRP C 50 9.20 -12.54 16.69
C TRP C 50 8.85 -13.84 17.43
N VAL C 51 7.59 -14.25 17.31
CA VAL C 51 7.07 -15.41 18.03
C VAL C 51 6.83 -16.57 17.06
N ALA C 52 5.93 -16.38 16.09
CA ALA C 52 5.60 -17.43 15.14
C ALA C 52 5.28 -16.80 13.80
N ALA C 53 5.38 -17.60 12.75
CA ALA C 53 5.11 -17.16 11.39
C ALA C 53 4.35 -18.24 10.63
N ILE C 54 3.25 -17.84 10.00
CA ILE C 54 2.46 -18.71 9.13
C ILE C 54 2.42 -18.09 7.75
N THR C 55 2.70 -18.89 6.73
CA THR C 55 2.74 -18.44 5.35
C THR C 55 1.70 -19.19 4.54
N SER C 56 1.21 -18.56 3.47
CA SER C 56 0.26 -19.21 2.57
C SER C 56 0.78 -20.58 2.17
N GLY C 57 -0.05 -21.59 2.39
CA GLY C 57 0.31 -22.98 2.18
C GLY C 57 0.48 -23.76 3.47
N GLY C 58 0.64 -23.09 4.60
CA GLY C 58 0.69 -23.74 5.89
C GLY C 58 2.07 -23.95 6.48
N SER C 59 3.11 -23.38 5.88
CA SER C 59 4.45 -23.51 6.44
C SER C 59 4.53 -22.73 7.75
N THR C 60 5.04 -23.38 8.80
CA THR C 60 5.10 -22.80 10.13
C THR C 60 6.55 -22.57 10.54
N ASN C 61 6.82 -21.41 11.12
CA ASN C 61 8.13 -21.09 11.67
C ASN C 61 7.96 -20.63 13.11
N TYR C 62 8.82 -21.13 13.99
CA TYR C 62 8.78 -20.80 15.41
C TYR C 62 10.16 -20.36 15.88
N ALA C 63 10.17 -19.50 16.89
CA ALA C 63 11.41 -19.14 17.56
C ALA C 63 11.78 -20.22 18.58
N ASP C 64 13.08 -20.39 18.79
CA ASP C 64 13.55 -21.45 19.68
C ASP C 64 12.95 -21.32 21.07
N SER C 65 12.72 -20.10 21.53
CA SER C 65 12.11 -19.91 22.85
C SER C 65 10.70 -20.48 22.91
N VAL C 66 9.94 -20.33 21.83
CA VAL C 66 8.54 -20.69 21.80
C VAL C 66 8.31 -21.91 20.89
N LYS C 67 9.35 -22.70 20.64
CA LYS C 67 9.24 -23.79 19.68
C LYS C 67 8.21 -24.82 20.11
N GLY C 68 8.19 -25.17 21.40
CA GLY C 68 7.33 -26.24 21.87
C GLY C 68 5.99 -25.75 22.42
N ARG C 69 6.03 -24.68 23.20
CA ARG C 69 4.84 -24.25 23.93
C ARG C 69 3.79 -23.64 23.01
N PHE C 70 4.19 -22.75 22.12
CA PHE C 70 3.26 -22.08 21.23
C PHE C 70 3.02 -22.86 19.95
N THR C 71 1.82 -22.66 19.37
CA THR C 71 1.48 -23.23 18.08
C THR C 71 0.69 -22.20 17.28
N ILE C 72 0.88 -22.20 15.96
CA ILE C 72 0.27 -21.24 15.05
C ILE C 72 -0.61 -21.99 14.06
N SER C 73 -1.82 -21.49 13.85
CA SER C 73 -2.72 -22.04 12.84
C SER C 73 -3.41 -20.89 12.13
N ARG C 74 -3.96 -21.18 10.96
CA ARG C 74 -4.62 -20.14 10.17
C ARG C 74 -5.70 -20.76 9.30
N ASP C 75 -6.83 -20.06 9.19
CA ASP C 75 -7.91 -20.43 8.30
C ASP C 75 -7.98 -19.39 7.19
N ASN C 76 -7.79 -19.85 5.95
CA ASN C 76 -7.84 -18.96 4.79
C ASN C 76 -9.27 -18.64 4.36
N ALA C 77 -10.23 -19.48 4.73
CA ALA C 77 -11.64 -19.18 4.41
C ALA C 77 -12.08 -17.90 5.11
N GLU C 78 -11.69 -17.72 6.37
CA GLU C 78 -12.01 -16.52 7.12
C GLU C 78 -10.84 -15.55 7.21
N ASN C 79 -9.66 -15.93 6.71
CA ASN C 79 -8.46 -15.10 6.82
C ASN C 79 -8.15 -14.77 8.28
N THR C 80 -8.26 -15.78 9.15
CA THR C 80 -8.07 -15.59 10.58
C THR C 80 -6.94 -16.48 11.06
N VAL C 81 -5.97 -15.89 11.76
CA VAL C 81 -4.81 -16.61 12.28
C VAL C 81 -4.91 -16.67 13.79
N TYR C 82 -4.68 -17.86 14.34
CA TYR C 82 -4.81 -18.13 15.77
C TYR C 82 -3.48 -18.63 16.31
N LEU C 83 -3.14 -18.23 17.52
CA LEU C 83 -1.97 -18.73 18.22
C LEU C 83 -2.41 -19.35 19.53
N GLN C 84 -2.20 -20.65 19.68
CA GLN C 84 -2.52 -21.36 20.91
C GLN C 84 -1.27 -21.42 21.79
N MET C 85 -1.46 -21.17 23.08
CA MET C 85 -0.38 -21.02 24.05
C MET C 85 -0.63 -22.02 25.16
N ASN C 86 0.25 -23.01 25.29
CA ASN C 86 0.14 -24.07 26.29
C ASN C 86 1.37 -24.11 27.17
N SER C 87 1.19 -24.65 28.38
CA SER C 87 2.27 -24.74 29.36
C SER C 87 2.97 -23.40 29.51
N LEU C 88 2.17 -22.34 29.60
CA LEU C 88 2.71 -20.98 29.54
C LEU C 88 3.59 -20.70 30.76
N LYS C 89 4.62 -19.90 30.54
CA LYS C 89 5.60 -19.56 31.55
C LYS C 89 5.50 -18.07 31.91
N PRO C 90 6.00 -17.68 33.07
CA PRO C 90 5.98 -16.25 33.44
C PRO C 90 6.82 -15.37 32.53
N GLU C 91 7.73 -15.96 31.75
CA GLU C 91 8.56 -15.15 30.86
C GLU C 91 7.71 -14.48 29.78
N ASP C 92 6.66 -15.20 29.30
CA ASP C 92 5.81 -14.77 28.14
C ASP C 92 4.71 -13.79 28.50
N THR C 93 5.07 -12.69 29.19
CA THR C 93 4.10 -11.69 29.62
C THR C 93 4.39 -10.41 28.84
N ALA C 94 3.78 -10.29 27.66
CA ALA C 94 4.02 -9.13 26.81
C ALA C 94 2.92 -9.04 25.76
N VAL C 95 2.70 -7.83 25.26
CA VAL C 95 1.67 -7.61 24.24
C VAL C 95 2.04 -8.34 22.96
N TYR C 96 1.03 -8.64 22.15
CA TYR C 96 1.19 -9.35 20.89
C TYR C 96 0.56 -8.54 19.76
N TYR C 97 1.11 -8.72 18.56
CA TYR C 97 0.62 -8.03 17.36
C TYR C 97 0.64 -8.98 16.17
N CYS C 98 0.10 -8.50 15.05
CA CYS C 98 0.08 -9.24 13.80
C CYS C 98 0.70 -8.39 12.71
N GLU C 99 1.70 -8.96 12.00
CA GLU C 99 2.28 -8.24 10.87
C GLU C 99 1.36 -8.27 9.66
N ALA C 100 0.74 -9.42 9.38
CA ALA C 100 -0.13 -9.59 8.22
C ALA C 100 0.57 -9.13 6.94
N TYR C 101 1.82 -9.56 6.78
CA TYR C 101 2.64 -9.13 5.66
C TYR C 101 2.03 -9.60 4.33
N GLY C 102 2.24 -8.80 3.29
CA GLY C 102 1.81 -9.16 1.95
C GLY C 102 0.31 -9.29 1.80
N THR C 103 -0.44 -8.26 2.22
CA THR C 103 -1.89 -8.26 2.10
C THR C 103 -2.25 -7.72 0.72
N TYR C 104 -2.75 -8.62 -0.14
CA TYR C 104 -3.13 -8.27 -1.51
C TYR C 104 -4.65 -8.13 -1.59
N THR C 105 -5.11 -6.89 -1.71
CA THR C 105 -6.53 -6.59 -1.81
C THR C 105 -6.88 -6.17 -3.23
N LEU C 106 -8.12 -6.44 -3.63
CA LEU C 106 -8.57 -6.15 -4.98
C LEU C 106 -10.06 -5.83 -4.95
N ALA C 107 -10.56 -5.31 -6.07
CA ALA C 107 -11.94 -4.90 -6.23
C ALA C 107 -12.45 -5.44 -7.56
N PRO C 108 -13.77 -5.56 -7.71
CA PRO C 108 -14.30 -6.06 -8.99
C PRO C 108 -13.88 -5.22 -10.19
N THR C 109 -13.69 -3.93 -9.97
CA THR C 109 -13.22 -3.02 -11.04
C THR C 109 -11.80 -3.43 -11.40
N GLY C 110 -11.01 -3.87 -10.42
CA GLY C 110 -9.62 -4.28 -10.61
C GLY C 110 -8.61 -3.46 -9.82
N GLU C 111 -8.97 -2.29 -9.32
CA GLU C 111 -8.05 -1.51 -8.50
C GLU C 111 -7.81 -2.22 -7.18
N GLY C 112 -6.56 -2.20 -6.72
CA GLY C 112 -6.18 -2.91 -5.51
C GLY C 112 -5.01 -2.27 -4.82
N GLU C 113 -4.57 -2.90 -3.73
CA GLU C 113 -3.46 -2.42 -2.93
C GLU C 113 -2.65 -3.61 -2.44
N TYR C 114 -1.37 -3.36 -2.14
CA TYR C 114 -0.46 -4.41 -1.70
C TYR C 114 0.17 -4.13 -0.34
N ASP C 115 -0.05 -2.96 0.24
CA ASP C 115 0.57 -2.61 1.51
C ASP C 115 0.21 -3.62 2.59
N ASP C 116 0.98 -3.62 3.66
CA ASP C 116 0.75 -4.49 4.81
C ASP C 116 0.12 -3.71 5.95
N TYR C 117 -0.67 -4.42 6.77
CA TYR C 117 -1.41 -3.82 7.86
C TYR C 117 -1.07 -4.54 9.15
N TRP C 118 -1.04 -3.79 10.25
CA TRP C 118 -0.64 -4.31 11.55
C TRP C 118 -1.81 -4.29 12.52
N GLY C 119 -1.87 -5.30 13.38
CA GLY C 119 -2.97 -5.41 14.31
C GLY C 119 -2.87 -4.41 15.46
N GLN C 120 -4.01 -4.15 16.08
CA GLN C 120 -4.06 -3.20 17.19
C GLN C 120 -3.25 -3.72 18.37
N GLY C 121 -3.37 -5.01 18.68
CA GLY C 121 -2.63 -5.60 19.78
C GLY C 121 -3.52 -6.24 20.84
N THR C 122 -2.97 -7.24 21.54
CA THR C 122 -3.70 -7.95 22.57
C THR C 122 -2.78 -8.20 23.76
N GLN C 123 -3.37 -8.27 24.94
CA GLN C 123 -2.64 -8.37 26.20
C GLN C 123 -2.56 -9.81 26.68
N VAL C 124 -1.66 -10.04 27.63
CA VAL C 124 -1.47 -11.36 28.23
C VAL C 124 -0.76 -11.17 29.56
N MET C 125 -0.95 -12.14 30.46
CA MET C 125 -0.36 -12.09 31.79
C MET C 125 -0.07 -13.51 32.26
N VAL C 126 0.77 -13.60 33.29
CA VAL C 126 1.03 -14.88 33.96
C VAL C 126 1.26 -14.59 35.44
N SER C 127 0.71 -15.46 36.28
CA SER C 127 0.85 -15.30 37.73
C SER C 127 2.31 -15.44 38.15
N PRO D 1 -4.66 18.09 -12.63
CA PRO D 1 -5.98 17.48 -12.44
C PRO D 1 -6.50 16.79 -13.70
N GLU D 2 -7.83 16.62 -13.77
CA GLU D 2 -8.42 15.97 -14.93
C GLU D 2 -8.27 16.82 -16.19
N ARG D 3 -8.33 18.14 -16.07
CA ARG D 3 -8.26 19.00 -17.24
C ARG D 3 -6.93 18.85 -17.96
N ARG D 4 -5.82 18.82 -17.22
CA ARG D 4 -4.52 18.71 -17.85
C ARG D 4 -4.38 17.37 -18.58
N VAL D 5 -4.81 16.28 -17.94
CA VAL D 5 -4.70 14.97 -18.58
C VAL D 5 -5.58 14.91 -19.82
N ARG D 6 -6.79 15.46 -19.75
CA ARG D 6 -7.68 15.46 -20.91
C ARG D 6 -7.07 16.27 -22.06
N SER D 7 -6.49 17.43 -21.74
CA SER D 7 -5.85 18.23 -22.78
C SER D 7 -4.69 17.47 -23.41
N THR D 8 -3.88 16.80 -22.59
CA THR D 8 -2.78 16.01 -23.13
C THR D 8 -3.30 14.91 -24.05
N LEU D 9 -4.36 14.23 -23.63
CA LEU D 9 -4.92 13.16 -24.45
C LEU D 9 -5.42 13.72 -25.79
N LYS D 10 -6.10 14.86 -25.76
CA LYS D 10 -6.69 15.39 -26.98
C LYS D 10 -5.65 16.00 -27.90
N LYS D 11 -4.54 16.48 -27.36
CA LYS D 11 -3.52 17.15 -28.17
C LYS D 11 -2.46 16.19 -28.67
N VAL D 12 -1.78 15.49 -27.75
CA VAL D 12 -0.64 14.66 -28.15
C VAL D 12 -1.11 13.36 -28.79
N PHE D 13 -1.96 12.60 -28.08
CA PHE D 13 -2.38 11.30 -28.56
C PHE D 13 -3.58 11.37 -29.49
N GLY D 14 -4.54 12.26 -29.22
CA GLY D 14 -5.69 12.44 -30.06
C GLY D 14 -6.95 11.74 -29.59
N PHE D 15 -6.84 10.83 -28.62
CA PHE D 15 -8.02 10.14 -28.13
C PHE D 15 -8.97 11.13 -27.46
N ASP D 16 -10.26 11.03 -27.81
CA ASP D 16 -11.25 11.92 -27.21
C ASP D 16 -11.41 11.64 -25.72
N SER D 17 -11.42 10.38 -25.33
CA SER D 17 -11.60 10.01 -23.93
C SER D 17 -10.90 8.68 -23.68
N PHE D 18 -10.67 8.38 -22.40
CA PHE D 18 -10.00 7.15 -22.03
C PHE D 18 -10.82 5.95 -22.49
N LYS D 19 -10.11 4.89 -22.91
CA LYS D 19 -10.78 3.69 -23.40
C LYS D 19 -11.62 3.04 -22.29
N THR D 20 -11.07 2.94 -21.09
CA THR D 20 -11.74 2.30 -19.97
C THR D 20 -11.53 3.15 -18.72
N PRO D 21 -12.51 3.18 -17.81
CA PRO D 21 -12.30 3.92 -16.55
C PRO D 21 -11.12 3.41 -15.75
N LEU D 22 -10.83 2.10 -15.81
CA LEU D 22 -9.66 1.58 -15.11
C LEU D 22 -8.38 2.19 -15.65
N GLN D 23 -8.29 2.35 -16.97
CA GLN D 23 -7.12 3.02 -17.56
C GLN D 23 -7.02 4.45 -17.06
N GLU D 24 -8.15 5.15 -16.95
CA GLU D 24 -8.13 6.51 -16.43
C GLU D 24 -7.62 6.53 -15.00
N SER D 25 -8.10 5.62 -14.16
CA SER D 25 -7.66 5.58 -12.78
C SER D 25 -6.17 5.29 -12.67
N ALA D 26 -5.68 4.33 -13.48
CA ALA D 26 -4.25 4.01 -13.46
C ALA D 26 -3.42 5.20 -13.91
N THR D 27 -3.87 5.89 -14.97
CA THR D 27 -3.13 7.04 -15.46
C THR D 27 -3.08 8.14 -14.41
N MET D 28 -4.21 8.41 -13.75
CA MET D 28 -4.23 9.44 -12.72
C MET D 28 -3.32 9.05 -11.55
N ALA D 29 -3.36 7.78 -11.14
CA ALA D 29 -2.51 7.34 -10.04
C ALA D 29 -1.04 7.49 -10.39
N VAL D 30 -0.66 7.15 -11.62
CA VAL D 30 0.74 7.31 -12.02
C VAL D 30 1.10 8.80 -12.10
N VAL D 31 0.15 9.63 -12.56
CA VAL D 31 0.41 11.07 -12.64
C VAL D 31 0.70 11.62 -11.25
N LYS D 32 -0.09 11.21 -10.26
CA LYS D 32 0.18 11.65 -8.88
C LYS D 32 1.55 11.15 -8.42
N GLY D 33 1.80 9.85 -8.58
CA GLY D 33 3.10 9.29 -8.27
C GLY D 33 3.39 9.07 -6.80
N ASN D 34 2.36 9.13 -5.94
CA ASN D 34 2.61 8.98 -4.51
C ASN D 34 3.14 7.59 -4.17
N LYS D 35 2.55 6.55 -4.75
CA LYS D 35 2.93 5.18 -4.44
C LYS D 35 3.24 4.43 -5.74
N ASP D 36 4.20 3.52 -5.66
CA ASP D 36 4.61 2.76 -6.83
C ASP D 36 3.43 2.04 -7.45
N VAL D 37 3.38 2.03 -8.78
CA VAL D 37 2.23 1.52 -9.51
C VAL D 37 2.61 0.24 -10.25
N PHE D 38 1.63 -0.65 -10.39
CA PHE D 38 1.77 -1.88 -11.15
C PHE D 38 0.56 -2.02 -12.07
N VAL D 39 0.78 -1.86 -13.37
CA VAL D 39 -0.29 -1.91 -14.37
C VAL D 39 -0.23 -3.25 -15.07
N CYS D 40 -1.39 -3.88 -15.23
CA CYS D 40 -1.50 -5.18 -15.92
C CYS D 40 -2.71 -5.09 -16.84
N MET D 41 -2.46 -4.76 -18.11
CA MET D 41 -3.51 -4.66 -19.11
C MET D 41 -3.11 -5.45 -20.34
N PRO D 42 -4.09 -5.96 -21.10
CA PRO D 42 -3.76 -6.72 -22.31
C PRO D 42 -3.25 -5.81 -23.42
N THR D 43 -2.59 -6.44 -24.39
CA THR D 43 -2.06 -5.70 -25.53
C THR D 43 -3.19 -5.01 -26.27
N GLY D 44 -2.96 -3.75 -26.66
CA GLY D 44 -3.96 -2.96 -27.33
C GLY D 44 -4.93 -2.25 -26.42
N ALA D 45 -4.82 -2.43 -25.11
CA ALA D 45 -5.72 -1.78 -24.16
C ALA D 45 -5.25 -0.38 -23.77
N GLY D 46 -4.11 0.07 -24.30
CA GLY D 46 -3.62 1.40 -23.99
C GLY D 46 -2.73 1.47 -22.77
N LYS D 47 -2.07 0.37 -22.39
CA LYS D 47 -1.19 0.39 -21.23
C LYS D 47 -0.02 1.33 -21.44
N SER D 48 0.48 1.43 -22.68
CA SER D 48 1.62 2.32 -22.94
C SER D 48 1.29 3.76 -22.59
N LEU D 49 0.03 4.14 -22.68
CA LEU D 49 -0.36 5.50 -22.31
C LEU D 49 -0.19 5.74 -20.81
N CYS D 50 -0.39 4.71 -19.99
CA CYS D 50 -0.33 4.88 -18.54
C CYS D 50 1.02 5.43 -18.11
N TYR D 51 2.09 5.02 -18.78
CA TYR D 51 3.44 5.50 -18.46
C TYR D 51 3.91 6.61 -19.39
N GLN D 52 3.20 6.86 -20.49
CA GLN D 52 3.59 7.89 -21.43
C GLN D 52 2.99 9.24 -21.08
N LEU D 53 1.68 9.30 -20.83
CA LEU D 53 1.05 10.57 -20.51
C LEU D 53 1.66 11.23 -19.28
N PRO D 54 1.87 10.52 -18.16
CA PRO D 54 2.56 11.17 -17.03
C PRO D 54 3.95 11.65 -17.40
N ALA D 55 4.67 10.91 -18.24
CA ALA D 55 5.99 11.34 -18.68
C ALA D 55 5.91 12.65 -19.44
N LEU D 56 4.94 12.76 -20.36
CA LEU D 56 4.74 14.02 -21.06
C LEU D 56 4.36 15.13 -20.09
N LEU D 57 3.63 14.79 -19.03
CA LEU D 57 3.20 15.77 -18.04
C LEU D 57 4.15 15.88 -16.86
N ALA D 58 5.15 15.02 -16.77
CA ALA D 58 6.11 15.06 -15.68
C ALA D 58 7.19 16.10 -15.95
N LYS D 59 7.97 16.40 -14.90
CA LYS D 59 9.08 17.34 -14.99
C LYS D 59 10.38 16.55 -15.00
N GLY D 60 11.17 16.74 -16.05
CA GLY D 60 12.42 16.03 -16.19
C GLY D 60 12.26 14.72 -16.95
N ILE D 61 13.39 14.05 -17.12
CA ILE D 61 13.43 12.82 -17.90
C ILE D 61 12.77 11.69 -17.14
N THR D 62 12.21 10.74 -17.89
CA THR D 62 11.75 9.46 -17.34
C THR D 62 12.50 8.35 -18.07
N ILE D 63 13.11 7.46 -17.30
CA ILE D 63 13.90 6.37 -17.86
C ILE D 63 12.99 5.16 -18.04
N VAL D 64 12.88 4.68 -19.26
CA VAL D 64 12.06 3.51 -19.60
C VAL D 64 12.99 2.37 -19.98
N VAL D 65 12.78 1.21 -19.37
CA VAL D 65 13.61 0.02 -19.60
C VAL D 65 12.76 -1.02 -20.31
N SER D 66 13.28 -1.55 -21.41
CA SER D 66 12.60 -2.54 -22.21
C SER D 66 13.53 -3.71 -22.50
N PRO D 67 13.00 -4.90 -22.71
CA PRO D 67 13.86 -6.09 -22.89
C PRO D 67 14.67 -6.05 -24.18
N LEU D 68 14.02 -5.81 -25.31
CA LEU D 68 14.65 -5.90 -26.62
C LEU D 68 14.89 -4.51 -27.20
N ILE D 69 15.90 -4.41 -28.06
CA ILE D 69 16.22 -3.15 -28.71
C ILE D 69 15.21 -2.84 -29.82
N ALA D 70 14.67 -3.88 -30.48
CA ALA D 70 13.67 -3.64 -31.52
C ALA D 70 12.42 -3.02 -30.94
N LEU D 71 11.99 -3.48 -29.76
CA LEU D 71 10.85 -2.87 -29.11
C LEU D 71 11.12 -1.40 -28.77
N ILE D 72 12.34 -1.10 -28.34
CA ILE D 72 12.70 0.29 -28.06
C ILE D 72 12.61 1.13 -29.33
N GLN D 73 13.11 0.59 -30.45
CA GLN D 73 13.04 1.32 -31.71
C GLN D 73 11.60 1.55 -32.14
N ASP D 74 10.76 0.54 -31.97
CA ASP D 74 9.34 0.69 -32.33
C ASP D 74 8.68 1.75 -31.47
N GLN D 75 8.93 1.74 -30.17
CA GLN D 75 8.36 2.77 -29.29
C GLN D 75 8.87 4.15 -29.66
N VAL D 76 10.16 4.26 -30.01
CA VAL D 76 10.73 5.53 -30.40
C VAL D 76 10.05 6.05 -31.66
N ASP D 77 9.82 5.17 -32.63
CA ASP D 77 9.13 5.59 -33.85
C ASP D 77 7.70 6.03 -33.55
N HIS D 78 7.01 5.28 -32.69
CA HIS D 78 5.63 5.62 -32.36
C HIS D 78 5.55 6.96 -31.64
N LEU D 79 6.54 7.27 -30.81
CA LEU D 79 6.57 8.57 -30.13
C LEU D 79 7.00 9.68 -31.07
N LEU D 80 7.84 9.37 -32.07
CA LEU D 80 8.30 10.40 -32.99
C LEU D 80 7.21 10.79 -33.97
N THR D 81 6.43 9.83 -34.47
CA THR D 81 5.35 10.16 -35.38
C THR D 81 4.31 11.06 -34.71
N LEU D 82 4.29 11.11 -33.39
CA LEU D 82 3.42 12.02 -32.65
C LEU D 82 4.13 13.32 -32.27
N LYS D 83 5.33 13.56 -32.82
CA LYS D 83 6.10 14.78 -32.56
C LYS D 83 6.52 14.91 -31.10
N VAL D 84 6.50 13.81 -30.35
CA VAL D 84 6.96 13.84 -28.97
C VAL D 84 8.48 13.80 -28.94
N ARG D 85 9.06 14.50 -27.97
CA ARG D 85 10.51 14.55 -27.80
C ARG D 85 10.93 13.32 -27.00
N VAL D 86 11.34 12.28 -27.70
CA VAL D 86 11.80 11.04 -27.11
C VAL D 86 13.25 10.82 -27.51
N SER D 87 14.02 10.18 -26.63
CA SER D 87 15.42 9.87 -26.90
C SER D 87 15.71 8.43 -26.51
N SER D 88 16.83 7.92 -27.04
CA SER D 88 17.29 6.57 -26.72
C SER D 88 18.80 6.58 -26.67
N LEU D 89 19.36 6.24 -25.51
CA LEU D 89 20.80 6.17 -25.31
C LEU D 89 21.20 4.70 -25.43
N ASN D 90 21.53 4.28 -26.65
CA ASN D 90 21.90 2.91 -26.95
C ASN D 90 23.19 2.89 -27.76
N SER D 91 23.96 1.82 -27.59
CA SER D 91 25.24 1.71 -28.29
C SER D 91 25.08 1.71 -29.80
N LYS D 92 23.89 1.36 -30.31
CA LYS D 92 23.68 1.36 -31.76
C LYS D 92 23.82 2.75 -32.36
N LEU D 93 23.71 3.80 -31.56
CA LEU D 93 23.86 5.15 -32.07
C LEU D 93 25.32 5.43 -32.43
N SER D 94 25.51 6.43 -33.29
CA SER D 94 26.84 6.80 -33.73
C SER D 94 27.54 7.64 -32.67
N ALA D 95 28.85 7.84 -32.86
CA ALA D 95 29.64 8.60 -31.90
C ALA D 95 29.14 10.03 -31.78
N GLN D 96 28.88 10.68 -32.92
CA GLN D 96 28.37 12.05 -32.87
C GLN D 96 27.00 12.11 -32.23
N GLU D 97 26.11 11.17 -32.59
CA GLU D 97 24.75 11.17 -32.04
C GLU D 97 24.77 10.93 -30.54
N ARG D 98 25.56 9.95 -30.09
CA ARG D 98 25.61 9.67 -28.65
C ARG D 98 26.28 10.82 -27.90
N LYS D 99 27.30 11.44 -28.50
CA LYS D 99 27.90 12.61 -27.86
C LYS D 99 26.89 13.74 -27.71
N GLU D 100 26.08 13.98 -28.74
CA GLU D 100 25.06 15.01 -28.64
C GLU D 100 24.03 14.65 -27.57
N LEU D 101 23.63 13.38 -27.50
CA LEU D 101 22.64 12.97 -26.51
C LEU D 101 23.18 13.17 -25.09
N LEU D 102 24.43 12.76 -24.84
CA LEU D 102 25.01 12.95 -23.52
C LEU D 102 25.19 14.43 -23.20
N ALA D 103 25.55 15.25 -24.19
CA ALA D 103 25.66 16.68 -23.95
C ALA D 103 24.31 17.28 -23.57
N ASP D 104 23.24 16.85 -24.24
CA ASP D 104 21.91 17.32 -23.87
C ASP D 104 21.54 16.85 -22.46
N LEU D 105 21.92 15.62 -22.12
CA LEU D 105 21.65 15.12 -20.77
C LEU D 105 22.36 15.95 -19.71
N GLU D 106 23.62 16.32 -19.98
CA GLU D 106 24.38 17.08 -18.99
C GLU D 106 23.80 18.47 -18.78
N ARG D 107 23.28 19.09 -19.84
CA ARG D 107 22.71 20.42 -19.74
C ARG D 107 21.47 20.40 -18.85
N GLU D 108 21.29 21.49 -18.11
CA GLU D 108 20.11 21.61 -17.25
C GLU D 108 18.85 21.68 -18.09
N LYS D 109 17.76 21.17 -17.53
CA LYS D 109 16.47 21.09 -18.23
C LYS D 109 16.63 20.37 -19.57
N PRO D 110 17.12 19.13 -19.56
CA PRO D 110 17.37 18.43 -20.82
C PRO D 110 16.13 18.42 -21.71
N GLN D 111 16.35 18.65 -23.01
CA GLN D 111 15.25 18.67 -23.95
C GLN D 111 14.45 17.38 -23.91
N THR D 112 15.15 16.24 -23.89
CA THR D 112 14.48 14.96 -23.83
C THR D 112 13.67 14.85 -22.53
N LYS D 113 12.42 14.42 -22.67
CA LYS D 113 11.55 14.17 -21.52
C LYS D 113 11.30 12.69 -21.27
N ILE D 114 11.65 11.82 -22.21
CA ILE D 114 11.50 10.38 -22.04
C ILE D 114 12.64 9.68 -22.76
N LEU D 115 13.46 8.94 -22.00
CA LEU D 115 14.65 8.27 -22.52
C LEU D 115 14.47 6.76 -22.38
N TYR D 116 14.54 6.06 -23.50
CA TYR D 116 14.51 4.60 -23.51
C TYR D 116 15.94 4.07 -23.48
N ILE D 117 16.29 3.38 -22.40
CA ILE D 117 17.63 2.82 -22.22
C ILE D 117 17.50 1.35 -21.88
N THR D 118 18.25 0.51 -22.57
CA THR D 118 18.30 -0.89 -22.20
C THR D 118 18.94 -1.02 -20.82
N PRO D 119 18.53 -2.02 -20.04
CA PRO D 119 19.09 -2.13 -18.68
C PRO D 119 20.59 -2.30 -18.66
N GLU D 120 21.15 -3.01 -19.64
CA GLU D 120 22.59 -3.20 -19.69
C GLU D 120 23.32 -1.86 -19.87
N MET D 121 22.82 -1.01 -20.77
CA MET D 121 23.47 0.27 -21.00
C MET D 121 23.44 1.14 -19.75
N ALA D 122 22.30 1.15 -19.05
CA ALA D 122 22.22 1.91 -17.81
C ALA D 122 23.18 1.33 -16.76
N ALA D 123 23.29 0.01 -16.70
CA ALA D 123 24.21 -0.64 -15.79
C ALA D 123 25.66 -0.60 -16.28
N SER D 124 25.88 -0.28 -17.54
CA SER D 124 27.24 -0.19 -18.07
C SER D 124 27.96 1.03 -17.48
N SER D 125 29.27 0.88 -17.29
CA SER D 125 30.05 1.94 -16.65
C SER D 125 29.99 3.25 -17.43
N SER D 126 29.70 3.20 -18.73
CA SER D 126 29.65 4.43 -19.52
C SER D 126 28.55 5.37 -19.02
N PHE D 127 27.38 4.83 -18.69
CA PHE D 127 26.26 5.63 -18.25
C PHE D 127 26.21 5.85 -16.74
N GLN D 128 27.07 5.17 -15.98
CA GLN D 128 27.08 5.38 -14.53
C GLN D 128 27.32 6.83 -14.14
N PRO D 129 28.31 7.54 -14.70
CA PRO D 129 28.45 8.96 -14.34
C PRO D 129 27.23 9.78 -14.74
N THR D 130 26.57 9.43 -15.84
CA THR D 130 25.33 10.12 -16.21
C THR D 130 24.26 9.90 -15.16
N LEU D 131 24.12 8.67 -14.67
CA LEU D 131 23.14 8.40 -13.62
C LEU D 131 23.50 9.12 -12.33
N ASN D 132 24.80 9.23 -12.03
CA ASN D 132 25.23 10.01 -10.88
C ASN D 132 24.83 11.48 -11.03
N SER D 133 25.01 12.02 -12.23
CA SER D 133 24.56 13.38 -12.49
C SER D 133 23.06 13.51 -12.31
N LEU D 134 22.31 12.51 -12.78
CA LEU D 134 20.85 12.56 -12.65
C LEU D 134 20.42 12.57 -11.19
N VAL D 135 21.04 11.71 -10.36
CA VAL D 135 20.70 11.71 -8.94
C VAL D 135 21.07 13.04 -8.31
N SER D 136 22.24 13.59 -8.67
CA SER D 136 22.65 14.86 -8.10
C SER D 136 21.67 15.97 -8.45
N ARG D 137 21.19 15.97 -9.69
CA ARG D 137 20.29 17.02 -10.18
C ARG D 137 18.82 16.70 -9.96
N HIS D 138 18.49 15.47 -9.55
CA HIS D 138 17.10 15.05 -9.36
C HIS D 138 16.29 15.17 -10.65
N LEU D 139 16.94 14.91 -11.79
CA LEU D 139 16.27 15.07 -13.07
C LEU D 139 15.19 14.02 -13.29
N LEU D 140 15.48 12.77 -12.94
CA LEU D 140 14.53 11.70 -13.20
C LEU D 140 13.26 11.87 -12.37
N SER D 141 12.11 11.69 -13.02
CA SER D 141 10.80 11.80 -12.39
C SER D 141 10.15 10.46 -12.10
N TYR D 142 10.05 9.59 -13.11
CA TYR D 142 9.46 8.27 -12.95
C TYR D 142 10.40 7.23 -13.52
N LEU D 143 10.43 6.06 -12.88
CA LEU D 143 11.19 4.91 -13.37
C LEU D 143 10.20 3.86 -13.85
N VAL D 144 10.11 3.69 -15.17
CA VAL D 144 9.14 2.80 -15.77
C VAL D 144 9.85 1.52 -16.20
N VAL D 145 9.44 0.40 -15.61
CA VAL D 145 9.91 -0.91 -15.98
C VAL D 145 8.82 -1.54 -16.84
N ASP D 146 8.97 -1.41 -18.16
CA ASP D 146 8.03 -2.01 -19.09
C ASP D 146 8.38 -3.49 -19.28
N GLU D 147 7.33 -4.31 -19.44
CA GLU D 147 7.50 -5.75 -19.49
C GLU D 147 8.22 -6.25 -18.24
N ALA D 148 7.79 -5.74 -17.08
CA ALA D 148 8.42 -6.11 -15.82
C ALA D 148 8.29 -7.60 -15.52
N HIS D 149 7.36 -8.29 -16.18
CA HIS D 149 7.17 -9.71 -15.92
C HIS D 149 8.44 -10.51 -16.14
N CYS D 150 9.37 -10.00 -16.96
CA CYS D 150 10.62 -10.70 -17.22
C CYS D 150 11.43 -10.89 -15.94
N VAL D 151 11.24 -10.05 -14.92
CA VAL D 151 12.01 -10.19 -13.70
C VAL D 151 11.65 -11.47 -12.97
N SER D 152 10.36 -11.82 -12.97
CA SER D 152 9.90 -13.00 -12.26
C SER D 152 10.43 -14.26 -12.93
N GLN D 153 11.01 -15.16 -12.13
CA GLN D 153 11.52 -16.41 -12.67
C GLN D 153 10.39 -17.28 -13.20
N TRP D 154 9.24 -17.26 -12.54
CA TRP D 154 8.10 -18.07 -12.96
C TRP D 154 7.49 -17.59 -14.27
N GLY D 155 7.85 -16.39 -14.74
CA GLY D 155 7.35 -15.93 -16.00
C GLY D 155 7.95 -16.67 -17.18
N HIS D 156 7.29 -16.55 -18.33
CA HIS D 156 7.76 -17.25 -19.52
C HIS D 156 9.14 -16.76 -19.94
N ASP D 157 9.38 -15.45 -19.84
CA ASP D 157 10.65 -14.85 -20.21
C ASP D 157 11.41 -14.43 -18.96
N PHE D 158 12.73 -14.63 -18.97
CA PHE D 158 13.60 -14.25 -17.87
C PHE D 158 14.64 -13.27 -18.36
N ARG D 159 14.75 -12.14 -17.68
CA ARG D 159 15.73 -11.10 -18.02
C ARG D 159 16.65 -10.88 -16.84
N PRO D 160 17.90 -11.35 -16.88
CA PRO D 160 18.79 -11.17 -15.72
C PRO D 160 19.11 -9.71 -15.42
N ASP D 161 18.93 -8.81 -16.39
CA ASP D 161 19.26 -7.41 -16.17
C ASP D 161 18.26 -6.69 -15.27
N TYR D 162 17.03 -7.23 -15.14
CA TYR D 162 16.06 -6.58 -14.27
C TYR D 162 16.41 -6.78 -12.80
N LEU D 163 17.10 -7.88 -12.47
CA LEU D 163 17.56 -8.08 -11.11
C LEU D 163 18.53 -6.98 -10.68
N ARG D 164 19.27 -6.41 -11.64
CA ARG D 164 20.14 -5.26 -11.37
C ARG D 164 19.40 -3.94 -11.53
N LEU D 165 18.40 -3.91 -12.40
CA LEU D 165 17.49 -2.76 -12.43
C LEU D 165 16.85 -2.54 -11.06
N GLY D 166 16.65 -3.62 -10.31
CA GLY D 166 16.16 -3.46 -8.94
C GLY D 166 17.13 -2.70 -8.06
N ALA D 167 18.42 -3.03 -8.15
CA ALA D 167 19.42 -2.26 -7.41
C ALA D 167 19.46 -0.82 -7.86
N LEU D 168 19.33 -0.59 -9.18
CA LEU D 168 19.22 0.77 -9.67
C LEU D 168 18.00 1.47 -9.06
N ARG D 169 16.90 0.75 -8.91
CA ARG D 169 15.70 1.32 -8.30
C ARG D 169 15.95 1.70 -6.86
N SER D 170 16.72 0.90 -6.13
CA SER D 170 17.12 1.29 -4.78
C SER D 170 17.78 2.66 -4.80
N ARG D 171 18.67 2.90 -5.76
CA ARG D 171 19.20 4.23 -5.99
C ARG D 171 18.18 5.03 -6.79
N LEU D 172 18.38 6.35 -6.86
CA LEU D 172 17.35 7.26 -7.39
C LEU D 172 16.04 7.07 -6.63
N GLY D 173 16.15 6.92 -5.31
CA GLY D 173 15.00 6.49 -4.54
C GLY D 173 13.82 7.46 -4.61
N HIS D 174 14.09 8.75 -4.76
CA HIS D 174 13.02 9.73 -4.69
C HIS D 174 11.96 9.48 -5.77
N ALA D 175 12.40 9.15 -6.98
CA ALA D 175 11.47 8.97 -8.08
C ALA D 175 10.59 7.75 -7.84
N PRO D 176 9.29 7.81 -8.15
CA PRO D 176 8.45 6.61 -8.06
C PRO D 176 8.75 5.63 -9.19
N CYS D 177 8.14 4.46 -9.08
CA CYS D 177 8.35 3.38 -10.04
C CYS D 177 7.00 2.85 -10.54
N VAL D 178 6.97 2.52 -11.83
CA VAL D 178 5.77 2.01 -12.49
C VAL D 178 6.18 0.75 -13.25
N ALA D 179 5.65 -0.40 -12.84
CA ALA D 179 5.93 -1.68 -13.47
C ALA D 179 4.76 -2.07 -14.35
N LEU D 180 5.02 -2.30 -15.64
CA LEU D 180 3.99 -2.64 -16.61
C LEU D 180 4.12 -4.11 -17.01
N THR D 181 2.97 -4.77 -17.15
CA THR D 181 2.95 -6.16 -17.56
C THR D 181 1.73 -6.40 -18.45
N ALA D 182 1.86 -7.36 -19.37
CA ALA D 182 0.74 -7.71 -20.24
C ALA D 182 -0.25 -8.61 -19.51
N THR D 183 0.21 -9.77 -19.06
CA THR D 183 -0.59 -10.69 -18.26
C THR D 183 0.16 -10.98 -16.96
N ALA D 184 -0.53 -10.84 -15.84
CA ALA D 184 0.09 -10.99 -14.52
C ALA D 184 -0.55 -12.14 -13.77
N THR D 185 0.24 -12.73 -12.86
CA THR D 185 -0.17 -13.80 -11.99
C THR D 185 0.21 -13.43 -10.55
N PRO D 186 -0.59 -13.80 -9.55
CA PRO D 186 -0.23 -13.40 -8.18
C PRO D 186 1.19 -13.77 -7.79
N GLN D 187 1.66 -14.96 -8.17
CA GLN D 187 3.05 -15.30 -7.92
C GLN D 187 3.98 -14.38 -8.70
N VAL D 188 3.67 -14.15 -9.98
CA VAL D 188 4.48 -13.24 -10.79
C VAL D 188 4.41 -11.83 -10.23
N GLN D 189 3.23 -11.42 -9.77
CA GLN D 189 3.09 -10.08 -9.19
C GLN D 189 3.95 -9.93 -7.95
N GLU D 190 3.93 -10.93 -7.07
CA GLU D 190 4.77 -10.88 -5.87
C GLU D 190 6.25 -10.86 -6.24
N ASP D 191 6.65 -11.67 -7.23
CA ASP D 191 8.03 -11.68 -7.65
C ASP D 191 8.44 -10.31 -8.19
N VAL D 192 7.59 -9.68 -8.98
CA VAL D 192 7.90 -8.35 -9.51
C VAL D 192 8.02 -7.35 -8.38
N PHE D 193 7.10 -7.38 -7.42
CA PHE D 193 7.15 -6.44 -6.31
C PHE D 193 8.41 -6.61 -5.48
N ALA D 194 8.81 -7.86 -5.22
CA ALA D 194 9.97 -8.11 -4.37
C ALA D 194 11.28 -7.83 -5.10
N ALA D 195 11.36 -8.16 -6.39
CA ALA D 195 12.62 -8.05 -7.11
C ALA D 195 12.95 -6.60 -7.43
N LEU D 196 11.94 -5.79 -7.76
CA LEU D 196 12.16 -4.40 -8.12
C LEU D 196 12.24 -3.46 -6.92
N HIS D 197 12.10 -3.99 -5.70
CA HIS D 197 12.22 -3.18 -4.48
C HIS D 197 11.23 -2.04 -4.48
N LEU D 198 10.01 -2.30 -4.96
CA LEU D 198 8.97 -1.28 -4.93
C LEU D 198 8.53 -1.01 -3.49
N LYS D 199 8.02 0.19 -3.27
CA LYS D 199 7.49 0.53 -1.95
C LYS D 199 6.36 -0.42 -1.59
N LYS D 200 6.28 -0.76 -0.31
CA LYS D 200 5.28 -1.74 0.14
C LYS D 200 3.88 -1.39 -0.32
N PRO D 201 3.38 -0.17 -0.15
CA PRO D 201 2.11 0.20 -0.80
C PRO D 201 2.28 0.27 -2.31
N VAL D 202 1.44 -0.47 -3.03
CA VAL D 202 1.55 -0.57 -4.48
C VAL D 202 0.16 -0.41 -5.07
N ALA D 203 0.01 0.55 -5.99
CA ALA D 203 -1.27 0.78 -6.67
C ALA D 203 -1.38 -0.22 -7.82
N ILE D 204 -2.20 -1.25 -7.63
CA ILE D 204 -2.33 -2.32 -8.61
C ILE D 204 -3.56 -2.02 -9.47
N PHE D 205 -3.34 -1.88 -10.78
CA PHE D 205 -4.41 -1.65 -11.74
C PHE D 205 -4.40 -2.80 -12.73
N LYS D 206 -5.31 -3.76 -12.55
CA LYS D 206 -5.39 -4.95 -13.36
C LYS D 206 -6.78 -5.05 -13.98
N THR D 207 -6.84 -5.27 -15.28
CA THR D 207 -8.13 -5.38 -15.95
C THR D 207 -8.84 -6.65 -15.52
N PRO D 208 -10.17 -6.61 -15.36
CA PRO D 208 -10.89 -7.86 -15.05
C PRO D 208 -10.95 -8.75 -16.26
N CYS D 209 -10.52 -10.00 -16.09
CA CYS D 209 -10.46 -10.93 -17.22
C CYS D 209 -11.83 -11.45 -17.61
N PHE D 210 -12.76 -11.56 -16.67
CA PHE D 210 -14.08 -12.11 -16.98
C PHE D 210 -14.81 -11.19 -17.96
N ARG D 211 -15.62 -11.80 -18.82
CA ARG D 211 -16.40 -11.09 -19.82
C ARG D 211 -17.88 -11.33 -19.57
N ALA D 212 -18.61 -10.26 -19.22
CA ALA D 212 -20.05 -10.39 -19.00
C ALA D 212 -20.78 -10.75 -20.28
N ASN D 213 -20.25 -10.37 -21.45
CA ASN D 213 -20.87 -10.75 -22.71
C ASN D 213 -20.73 -12.24 -22.97
N LEU D 214 -19.74 -12.89 -22.37
CA LEU D 214 -19.40 -14.27 -22.68
C LEU D 214 -19.98 -15.22 -21.64
N PHE D 215 -20.30 -16.43 -22.10
CA PHE D 215 -20.87 -17.48 -21.25
C PHE D 215 -19.93 -18.67 -21.26
N TYR D 216 -19.52 -19.11 -20.06
CA TYR D 216 -18.61 -20.23 -19.91
C TYR D 216 -19.36 -21.47 -19.44
N ASP D 217 -18.92 -22.64 -19.92
CA ASP D 217 -19.45 -23.91 -19.46
C ASP D 217 -18.54 -25.01 -19.96
N VAL D 218 -18.44 -26.09 -19.19
CA VAL D 218 -17.56 -27.21 -19.49
C VAL D 218 -18.39 -28.47 -19.63
N GLN D 219 -18.09 -29.25 -20.66
CA GLN D 219 -18.74 -30.53 -20.90
C GLN D 219 -17.67 -31.61 -21.00
N PHE D 220 -18.10 -32.84 -20.75
CA PHE D 220 -17.20 -34.01 -20.71
C PHE D 220 -17.63 -34.98 -21.80
N LYS D 221 -16.69 -35.32 -22.69
CA LYS D 221 -17.04 -36.14 -23.84
C LYS D 221 -17.48 -37.54 -23.44
N GLU D 222 -16.99 -38.04 -22.30
CA GLU D 222 -17.39 -39.37 -21.85
C GLU D 222 -18.88 -39.43 -21.55
N LEU D 223 -19.41 -38.39 -20.90
CA LEU D 223 -20.82 -38.39 -20.52
C LEU D 223 -21.71 -38.30 -21.76
N ILE D 224 -21.41 -37.38 -22.67
CA ILE D 224 -22.25 -37.19 -23.86
C ILE D 224 -22.11 -38.40 -24.76
N SER D 225 -23.25 -38.93 -25.21
CA SER D 225 -23.23 -40.10 -26.09
C SER D 225 -22.59 -39.78 -27.44
N ASP D 226 -22.94 -38.63 -28.02
CA ASP D 226 -22.45 -38.22 -29.34
C ASP D 226 -21.86 -36.82 -29.23
N PRO D 227 -20.57 -36.71 -28.90
CA PRO D 227 -19.98 -35.37 -28.75
C PRO D 227 -20.05 -34.53 -30.01
N TYR D 228 -19.91 -35.15 -31.19
CA TYR D 228 -19.96 -34.39 -32.43
C TYR D 228 -21.33 -33.76 -32.65
N GLY D 229 -22.39 -34.49 -32.33
CA GLY D 229 -23.73 -33.93 -32.44
C GLY D 229 -23.93 -32.73 -31.55
N ASN D 230 -23.46 -32.83 -30.30
CA ASN D 230 -23.54 -31.69 -29.38
C ASN D 230 -22.75 -30.50 -29.91
N LEU D 231 -21.56 -30.76 -30.44
CA LEU D 231 -20.75 -29.68 -31.00
C LEU D 231 -21.48 -29.00 -32.15
N LYS D 232 -22.06 -29.79 -33.05
CA LYS D 232 -22.78 -29.23 -34.19
C LYS D 232 -23.99 -28.42 -33.73
N ASP D 233 -24.74 -28.95 -32.76
CA ASP D 233 -25.93 -28.25 -32.29
C ASP D 233 -25.55 -26.93 -31.64
N PHE D 234 -24.51 -26.93 -30.80
CA PHE D 234 -24.07 -25.70 -30.14
C PHE D 234 -23.59 -24.68 -31.17
N CYS D 235 -22.80 -25.12 -32.15
CA CYS D 235 -22.32 -24.21 -33.18
C CYS D 235 -23.47 -23.60 -33.97
N LEU D 236 -24.46 -24.43 -34.34
CA LEU D 236 -25.60 -23.92 -35.08
C LEU D 236 -26.40 -22.93 -34.24
N LYS D 237 -26.62 -23.24 -32.96
CA LYS D 237 -27.40 -22.36 -32.10
C LYS D 237 -26.71 -21.00 -31.98
N ALA D 238 -25.42 -21.01 -31.67
CA ALA D 238 -24.69 -19.76 -31.51
C ALA D 238 -24.71 -18.95 -32.80
N LEU D 239 -24.39 -19.59 -33.94
CA LEU D 239 -24.38 -18.87 -35.21
C LEU D 239 -25.77 -18.42 -35.61
N GLY D 240 -26.76 -19.31 -35.49
CA GLY D 240 -28.10 -18.98 -35.96
C GLY D 240 -28.72 -17.84 -35.18
N GLN D 241 -28.61 -17.86 -33.86
CA GLN D 241 -29.18 -16.82 -33.00
C GLN D 241 -30.67 -16.75 -33.32
N GLU D 242 -31.25 -15.59 -33.57
CA GLU D 242 -32.66 -15.50 -33.94
C GLU D 242 -32.86 -16.04 -35.34
N ALA D 243 -33.99 -16.74 -35.54
CA ALA D 243 -34.28 -17.33 -36.84
C ALA D 243 -34.43 -16.26 -37.92
N ASP D 244 -35.15 -15.19 -37.61
CA ASP D 244 -35.41 -14.16 -38.62
C ASP D 244 -34.13 -13.45 -39.02
N LYS D 245 -33.27 -13.14 -38.05
CA LYS D 245 -32.01 -12.46 -38.37
C LYS D 245 -31.13 -13.35 -39.24
N GLY D 246 -31.18 -14.66 -39.03
CA GLY D 246 -30.35 -15.57 -39.79
C GLY D 246 -28.96 -15.71 -39.21
N LEU D 247 -28.16 -16.55 -39.86
CA LEU D 247 -26.79 -16.78 -39.41
C LEU D 247 -25.97 -15.50 -39.53
N SER D 248 -25.18 -15.21 -38.50
CA SER D 248 -24.33 -14.04 -38.47
C SER D 248 -23.02 -14.37 -37.77
N GLY D 249 -21.99 -13.61 -38.10
CA GLY D 249 -20.69 -13.81 -37.49
C GLY D 249 -20.03 -15.10 -37.94
N CYS D 250 -18.97 -15.45 -37.23
CA CYS D 250 -18.20 -16.66 -37.53
C CYS D 250 -17.56 -17.17 -36.25
N GLY D 251 -17.63 -18.49 -36.05
CA GLY D 251 -17.09 -19.12 -34.87
C GLY D 251 -15.71 -19.71 -35.10
N ILE D 252 -15.05 -20.01 -33.98
CA ILE D 252 -13.71 -20.58 -33.99
C ILE D 252 -13.70 -21.83 -33.12
N VAL D 253 -13.20 -22.94 -33.66
CA VAL D 253 -13.06 -24.19 -32.92
C VAL D 253 -11.58 -24.53 -32.86
N TYR D 254 -11.05 -24.69 -31.65
CA TYR D 254 -9.63 -24.91 -31.47
C TYR D 254 -9.32 -26.40 -31.49
N CYS D 255 -8.31 -26.78 -32.25
CA CYS D 255 -7.91 -28.16 -32.43
C CYS D 255 -6.49 -28.36 -31.89
N ARG D 256 -6.24 -29.56 -31.37
CA ARG D 256 -4.92 -29.90 -30.84
C ARG D 256 -4.07 -30.62 -31.89
N THR D 257 -4.56 -31.74 -32.40
CA THR D 257 -3.83 -32.54 -33.38
C THR D 257 -4.27 -32.18 -34.79
N ARG D 258 -3.31 -32.17 -35.72
CA ARG D 258 -3.62 -31.83 -37.11
C ARG D 258 -4.63 -32.82 -37.69
N GLU D 259 -4.42 -34.11 -37.45
CA GLU D 259 -5.38 -35.11 -37.92
C GLU D 259 -6.75 -34.88 -37.29
N ALA D 260 -6.78 -34.66 -35.97
CA ALA D 260 -8.04 -34.35 -35.30
C ALA D 260 -8.62 -33.04 -35.83
N CYS D 261 -7.76 -32.06 -36.13
CA CYS D 261 -8.24 -30.79 -36.65
C CYS D 261 -8.98 -30.98 -37.96
N GLU D 262 -8.34 -31.66 -38.92
CA GLU D 262 -8.99 -31.89 -40.21
C GLU D 262 -10.20 -32.79 -40.08
N GLN D 263 -10.16 -33.76 -39.17
CA GLN D 263 -11.33 -34.60 -38.94
C GLN D 263 -12.51 -33.77 -38.46
N LEU D 264 -12.28 -32.88 -37.50
CA LEU D 264 -13.33 -32.01 -37.02
C LEU D 264 -13.85 -31.11 -38.13
N ALA D 265 -12.94 -30.54 -38.92
CA ALA D 265 -13.37 -29.66 -39.99
C ALA D 265 -14.26 -30.39 -40.99
N ILE D 266 -13.83 -31.57 -41.44
CA ILE D 266 -14.60 -32.31 -42.44
C ILE D 266 -15.92 -32.79 -41.84
N GLU D 267 -15.91 -33.19 -40.58
CA GLU D 267 -17.15 -33.66 -39.96
C GLU D 267 -18.15 -32.51 -39.83
N LEU D 268 -17.69 -31.32 -39.44
CA LEU D 268 -18.57 -30.17 -39.39
C LEU D 268 -19.11 -29.84 -40.78
N SER D 269 -18.25 -29.91 -41.80
CA SER D 269 -18.71 -29.64 -43.16
C SER D 269 -19.80 -30.63 -43.58
N CYS D 270 -19.60 -31.90 -43.25
CA CYS D 270 -20.60 -32.91 -43.60
C CYS D 270 -21.90 -32.68 -42.82
N ARG D 271 -21.80 -32.28 -41.55
CA ARG D 271 -23.01 -32.04 -40.76
C ARG D 271 -23.87 -30.93 -41.35
N GLY D 272 -23.24 -29.92 -41.95
CA GLY D 272 -23.98 -28.83 -42.55
C GLY D 272 -23.33 -27.47 -42.38
N VAL D 273 -22.25 -27.42 -41.59
CA VAL D 273 -21.54 -26.16 -41.32
C VAL D 273 -20.14 -26.29 -41.91
N ASN D 274 -19.87 -25.51 -42.95
CA ASN D 274 -18.57 -25.56 -43.61
C ASN D 274 -17.50 -24.95 -42.72
N ALA D 275 -16.27 -25.45 -42.87
CA ALA D 275 -15.16 -24.98 -42.04
C ALA D 275 -13.85 -25.20 -42.79
N LYS D 276 -12.82 -24.48 -42.34
CA LYS D 276 -11.47 -24.59 -42.89
C LYS D 276 -10.51 -24.95 -41.77
N ALA D 277 -9.60 -25.90 -42.05
CA ALA D 277 -8.72 -26.41 -41.01
C ALA D 277 -7.76 -25.33 -40.51
N TYR D 278 -7.21 -24.53 -41.42
CA TYR D 278 -6.21 -23.51 -41.05
C TYR D 278 -5.05 -24.15 -40.28
N HIS D 279 -4.66 -25.34 -40.69
CA HIS D 279 -3.59 -26.06 -40.01
C HIS D 279 -2.25 -25.37 -40.23
N ALA D 280 -1.38 -25.44 -39.22
CA ALA D 280 -0.07 -24.84 -39.34
C ALA D 280 0.73 -25.48 -40.47
N GLY D 281 0.66 -26.81 -40.60
CA GLY D 281 1.36 -27.50 -41.66
C GLY D 281 0.86 -27.15 -43.05
N LEU D 282 -0.36 -26.64 -43.16
CA LEU D 282 -0.89 -26.23 -44.45
C LEU D 282 -0.01 -25.15 -45.06
N LYS D 283 0.22 -25.26 -46.37
CA LYS D 283 1.09 -24.31 -47.06
C LYS D 283 0.61 -22.88 -46.85
N ALA D 284 1.52 -21.93 -47.10
CA ALA D 284 1.21 -20.53 -46.83
C ALA D 284 0.04 -20.04 -47.69
N SER D 285 0.00 -20.45 -48.95
CA SER D 285 -1.06 -19.99 -49.85
C SER D 285 -2.43 -20.43 -49.34
N GLU D 286 -2.59 -21.72 -49.07
CA GLU D 286 -3.87 -22.22 -48.60
C GLU D 286 -4.23 -21.62 -47.24
N ARG D 287 -3.23 -21.43 -46.38
CA ARG D 287 -3.49 -20.80 -45.09
C ARG D 287 -4.03 -19.38 -45.28
N THR D 288 -3.44 -18.62 -46.19
CA THR D 288 -3.94 -17.27 -46.45
C THR D 288 -5.35 -17.31 -47.03
N LEU D 289 -5.61 -18.23 -47.95
CA LEU D 289 -6.95 -18.32 -48.53
C LEU D 289 -8.00 -18.64 -47.46
N VAL D 290 -7.69 -19.58 -46.57
CA VAL D 290 -8.66 -19.95 -45.54
C VAL D 290 -8.85 -18.83 -44.54
N GLN D 291 -7.76 -18.16 -44.14
CA GLN D 291 -7.87 -17.02 -43.26
C GLN D 291 -8.75 -15.94 -43.88
N ASN D 292 -8.55 -15.67 -45.17
CA ASN D 292 -9.39 -14.73 -45.88
C ASN D 292 -10.85 -15.15 -45.82
N ASP D 293 -11.16 -16.35 -46.34
CA ASP D 293 -12.56 -16.76 -46.42
C ASP D 293 -13.23 -16.78 -45.06
N TRP D 294 -12.47 -17.00 -43.99
CA TRP D 294 -13.06 -16.86 -42.66
C TRP D 294 -13.32 -15.40 -42.33
N MET D 295 -12.37 -14.50 -42.66
CA MET D 295 -12.63 -13.08 -42.48
C MET D 295 -13.80 -12.63 -43.34
N GLU D 296 -13.89 -13.15 -44.57
CA GLU D 296 -15.09 -12.93 -45.36
C GLU D 296 -16.27 -13.70 -44.78
N GLU D 297 -17.47 -13.19 -45.05
CA GLU D 297 -18.69 -13.79 -44.52
C GLU D 297 -19.01 -15.15 -45.13
N LYS D 298 -18.29 -15.56 -46.18
CA LYS D 298 -18.69 -16.76 -46.92
C LYS D 298 -18.65 -18.00 -46.04
N VAL D 299 -17.60 -18.18 -45.26
CA VAL D 299 -17.38 -19.41 -44.50
C VAL D 299 -18.03 -19.23 -43.12
N PRO D 300 -18.93 -20.14 -42.70
CA PRO D 300 -19.58 -19.94 -41.39
C PRO D 300 -18.61 -19.99 -40.22
N VAL D 301 -17.83 -21.07 -40.09
CA VAL D 301 -16.98 -21.30 -38.93
C VAL D 301 -15.60 -21.71 -39.43
N ILE D 302 -14.60 -21.51 -38.57
CA ILE D 302 -13.23 -21.90 -38.87
C ILE D 302 -12.68 -22.74 -37.71
N VAL D 303 -11.80 -23.67 -38.06
CA VAL D 303 -11.04 -24.44 -37.09
C VAL D 303 -9.62 -23.92 -37.09
N ALA D 304 -9.06 -23.75 -35.88
CA ALA D 304 -7.72 -23.19 -35.72
C ALA D 304 -6.89 -24.11 -34.83
N THR D 305 -5.63 -24.31 -35.22
CA THR D 305 -4.68 -25.08 -34.44
C THR D 305 -3.62 -24.22 -33.76
N ILE D 306 -3.32 -23.05 -34.31
CA ILE D 306 -2.35 -22.15 -33.71
C ILE D 306 -2.91 -20.77 -33.42
N SER D 307 -3.95 -20.34 -34.13
CA SER D 307 -4.54 -19.02 -33.90
C SER D 307 -5.85 -18.87 -34.66
N ASP D 313 -8.17 -12.81 -36.84
CA ASP D 313 -9.19 -12.42 -35.86
C ASP D 313 -10.36 -11.73 -36.54
N LYS D 314 -11.56 -11.94 -36.00
CA LYS D 314 -12.78 -11.36 -36.53
C LYS D 314 -13.41 -10.46 -35.47
N ALA D 315 -14.06 -9.38 -35.93
CA ALA D 315 -14.65 -8.43 -35.01
C ALA D 315 -15.73 -9.09 -34.15
N ASN D 316 -16.58 -9.91 -34.77
CA ASN D 316 -17.64 -10.63 -34.06
C ASN D 316 -17.40 -12.13 -34.19
N VAL D 317 -17.33 -12.82 -33.06
CA VAL D 317 -17.18 -14.26 -33.01
C VAL D 317 -18.31 -14.82 -32.16
N ARG D 318 -19.19 -15.60 -32.77
CA ARG D 318 -20.40 -16.04 -32.08
C ARG D 318 -20.07 -17.03 -30.96
N PHE D 319 -19.16 -17.97 -31.21
CA PHE D 319 -18.86 -18.99 -30.22
C PHE D 319 -17.39 -19.37 -30.31
N VAL D 320 -16.91 -20.02 -29.25
CA VAL D 320 -15.55 -20.56 -29.22
C VAL D 320 -15.57 -21.88 -28.46
N ALA D 321 -15.30 -22.98 -29.15
CA ALA D 321 -15.32 -24.31 -28.56
C ALA D 321 -13.92 -24.90 -28.60
N HIS D 322 -13.40 -25.27 -27.43
CA HIS D 322 -12.12 -25.96 -27.31
C HIS D 322 -12.39 -27.46 -27.30
N TRP D 323 -12.15 -28.10 -28.44
CA TRP D 323 -12.30 -29.55 -28.52
C TRP D 323 -11.37 -30.26 -27.54
N ASN D 324 -10.15 -29.74 -27.39
CA ASN D 324 -9.17 -30.29 -26.47
C ASN D 324 -8.69 -29.17 -25.55
N ILE D 325 -8.29 -29.56 -24.34
CA ILE D 325 -7.85 -28.57 -23.36
C ILE D 325 -6.54 -27.94 -23.79
N ALA D 326 -6.34 -26.68 -23.43
CA ALA D 326 -5.15 -25.95 -23.79
C ALA D 326 -3.97 -26.36 -22.90
N LYS D 327 -2.78 -25.87 -23.25
CA LYS D 327 -1.58 -26.20 -22.48
C LYS D 327 -1.55 -25.48 -21.14
N SER D 328 -2.10 -24.27 -21.07
CA SER D 328 -2.13 -23.51 -19.82
C SER D 328 -3.38 -22.66 -19.80
N MET D 329 -3.86 -22.37 -18.58
CA MET D 329 -5.08 -21.59 -18.45
C MET D 329 -4.91 -20.20 -19.07
N ALA D 330 -3.71 -19.64 -19.04
CA ALA D 330 -3.47 -18.37 -19.71
C ALA D 330 -3.69 -18.51 -21.21
N GLY D 331 -3.18 -19.58 -21.81
CA GLY D 331 -3.40 -19.80 -23.23
C GLY D 331 -4.87 -19.98 -23.57
N TYR D 332 -5.58 -20.74 -22.75
CA TYR D 332 -7.02 -20.93 -22.99
C TYR D 332 -7.76 -19.60 -22.88
N TYR D 333 -7.43 -18.79 -21.87
CA TYR D 333 -8.10 -17.50 -21.70
C TYR D 333 -7.81 -16.60 -22.89
N GLN D 334 -6.57 -16.57 -23.36
CA GLN D 334 -6.24 -15.74 -24.53
C GLN D 334 -6.97 -16.23 -25.77
N GLU D 335 -7.03 -17.55 -25.96
CA GLU D 335 -7.73 -18.09 -27.12
C GLU D 335 -9.21 -17.77 -27.08
N SER D 336 -9.84 -17.87 -25.91
CA SER D 336 -11.26 -17.61 -25.76
C SER D 336 -11.60 -16.13 -25.66
N GLY D 337 -10.61 -15.26 -25.48
CA GLY D 337 -10.90 -13.84 -25.38
C GLY D 337 -11.57 -13.31 -26.64
N ARG D 338 -11.15 -13.80 -27.80
CA ARG D 338 -11.76 -13.36 -29.05
C ARG D 338 -13.20 -13.82 -29.20
N ALA D 339 -13.69 -14.71 -28.34
CA ALA D 339 -15.07 -15.12 -28.37
C ALA D 339 -15.98 -13.90 -28.16
N GLY D 340 -16.75 -13.56 -29.18
CA GLY D 340 -17.65 -12.43 -29.10
C GLY D 340 -16.96 -11.13 -28.72
N ARG D 341 -15.91 -10.77 -29.44
CA ARG D 341 -15.24 -9.51 -29.19
C ARG D 341 -16.18 -8.33 -29.35
N ASP D 342 -17.27 -8.51 -30.10
CA ASP D 342 -18.30 -7.49 -30.20
C ASP D 342 -19.25 -7.57 -29.00
N GLY D 343 -20.21 -6.66 -28.95
CA GLY D 343 -21.14 -6.62 -27.84
C GLY D 343 -22.26 -7.65 -27.89
N LYS D 344 -22.40 -8.37 -29.00
CA LYS D 344 -23.46 -9.36 -29.11
C LYS D 344 -23.09 -10.60 -28.29
N PRO D 345 -24.07 -11.26 -27.66
CA PRO D 345 -23.74 -12.42 -26.83
C PRO D 345 -22.99 -13.50 -27.59
N SER D 346 -22.01 -14.11 -26.90
CA SER D 346 -21.24 -15.21 -27.42
C SER D 346 -21.01 -16.21 -26.30
N TRP D 347 -20.83 -17.49 -26.66
CA TRP D 347 -20.63 -18.55 -25.69
C TRP D 347 -19.36 -19.32 -26.02
N CYS D 348 -18.73 -19.88 -24.99
CA CYS D 348 -17.61 -20.79 -25.16
C CYS D 348 -17.93 -22.15 -24.55
N ARG D 349 -17.26 -23.17 -25.07
CA ARG D 349 -17.44 -24.55 -24.67
C ARG D 349 -16.07 -25.20 -24.50
N LEU D 350 -16.00 -26.20 -23.61
CA LEU D 350 -14.79 -26.99 -23.40
C LEU D 350 -15.18 -28.46 -23.39
N TYR D 351 -14.62 -29.23 -24.32
CA TYR D 351 -14.86 -30.67 -24.36
C TYR D 351 -13.73 -31.42 -23.67
N TYR D 352 -13.62 -31.18 -22.37
CA TYR D 352 -12.57 -31.81 -21.56
C TYR D 352 -12.77 -33.31 -21.52
N SER D 353 -11.69 -34.05 -21.69
CA SER D 353 -11.71 -35.51 -21.67
C SER D 353 -10.54 -36.03 -20.86
N ARG D 354 -10.77 -37.15 -20.18
CA ARG D 354 -9.71 -37.74 -19.36
C ARG D 354 -8.53 -38.19 -20.21
N ASN D 355 -8.80 -38.86 -21.33
CA ASN D 355 -7.71 -39.34 -22.19
C ASN D 355 -6.93 -38.16 -22.79
N ASP D 356 -7.65 -37.16 -23.32
CA ASP D 356 -6.98 -36.00 -23.88
C ASP D 356 -6.20 -35.25 -22.80
N ARG D 357 -6.78 -35.13 -21.61
CA ARG D 357 -6.08 -34.47 -20.51
C ARG D 357 -4.79 -35.20 -20.17
N ASP D 358 -4.85 -36.54 -20.08
CA ASP D 358 -3.65 -37.30 -19.79
C ASP D 358 -2.61 -37.14 -20.90
N GLN D 359 -3.06 -37.09 -22.16
CA GLN D 359 -2.13 -36.98 -23.28
C GLN D 359 -1.42 -35.63 -23.24
N VAL D 360 -2.17 -34.55 -23.00
CA VAL D 360 -1.53 -33.23 -22.95
C VAL D 360 -0.65 -33.12 -21.71
N SER D 361 -1.04 -33.77 -20.60
CA SER D 361 -0.18 -33.78 -19.42
C SER D 361 1.13 -34.51 -19.71
N PHE D 362 1.07 -35.59 -20.47
CA PHE D 362 2.29 -36.29 -20.87
C PHE D 362 3.16 -35.40 -21.75
N LEU D 363 2.53 -34.66 -22.66
CA LEU D 363 3.30 -33.72 -23.49
C LEU D 363 3.99 -32.68 -22.62
N ILE D 364 3.27 -32.13 -21.64
CA ILE D 364 3.85 -31.12 -20.75
C ILE D 364 4.99 -31.72 -19.95
N ARG D 365 4.82 -32.96 -19.49
CA ARG D 365 5.88 -33.62 -18.73
C ARG D 365 7.12 -33.83 -19.58
N LYS D 366 6.94 -34.24 -20.85
CA LYS D 366 8.07 -34.40 -21.74
C LYS D 366 8.79 -33.07 -21.98
N GLU D 367 8.02 -32.00 -22.17
CA GLU D 367 8.63 -30.69 -22.36
C GLU D 367 9.41 -30.26 -21.12
N VAL D 368 8.85 -30.50 -19.94
CA VAL D 368 9.53 -30.14 -18.70
C VAL D 368 10.80 -30.98 -18.53
N ALA D 369 10.75 -32.26 -18.91
CA ALA D 369 11.94 -33.09 -18.84
C ALA D 369 13.02 -32.57 -19.76
N LYS D 370 12.65 -32.16 -20.98
CA LYS D 370 13.64 -31.58 -21.89
C LYS D 370 14.22 -30.30 -21.32
N LEU D 371 13.38 -29.45 -20.73
CA LEU D 371 13.87 -28.22 -20.14
C LEU D 371 14.84 -28.50 -19.00
N GLN D 372 14.51 -29.48 -18.15
CA GLN D 372 15.41 -29.86 -17.07
C GLN D 372 16.73 -30.39 -17.62
N GLU D 373 16.67 -31.20 -18.68
CA GLU D 373 17.90 -31.63 -19.35
C GLU D 373 18.71 -30.42 -19.79
N LYS D 374 18.03 -29.36 -20.21
CA LYS D 374 18.74 -28.11 -20.52
C LYS D 374 19.43 -27.56 -19.28
N ARG D 375 18.83 -27.75 -18.11
CA ARG D 375 19.34 -27.32 -16.81
C ARG D 375 19.12 -25.84 -16.56
N GLY D 376 18.34 -25.16 -17.40
CA GLY D 376 18.07 -23.75 -17.21
C GLY D 376 16.58 -23.47 -17.29
N ASN D 377 16.20 -22.36 -16.66
CA ASN D 377 14.80 -21.93 -16.62
C ASN D 377 13.90 -22.98 -15.99
N LYS D 378 14.40 -23.59 -14.90
CA LYS D 378 13.60 -24.60 -14.20
C LYS D 378 12.33 -23.99 -13.62
N ALA D 379 12.42 -22.76 -13.09
CA ALA D 379 11.24 -22.10 -12.56
C ALA D 379 10.20 -21.89 -13.65
N SER D 380 10.63 -21.71 -14.89
CA SER D 380 9.68 -21.60 -16.00
C SER D 380 8.90 -22.89 -16.17
N ASP D 381 9.59 -24.03 -16.11
CA ASP D 381 8.90 -25.32 -16.20
C ASP D 381 7.96 -25.51 -15.02
N LYS D 382 8.38 -25.13 -13.83
CA LYS D 382 7.50 -25.23 -12.66
C LYS D 382 6.24 -24.39 -12.86
N ALA D 383 6.40 -23.17 -13.35
CA ALA D 383 5.24 -22.31 -13.59
C ALA D 383 4.33 -22.89 -14.65
N THR D 384 4.91 -23.46 -15.72
CA THR D 384 4.08 -24.04 -16.77
C THR D 384 3.27 -25.23 -16.25
N ILE D 385 3.91 -26.11 -15.47
CA ILE D 385 3.19 -27.26 -14.95
C ILE D 385 2.13 -26.81 -13.94
N MET D 386 2.43 -25.78 -13.15
CA MET D 386 1.43 -25.24 -12.23
C MET D 386 0.23 -24.67 -12.99
N ALA D 387 0.49 -23.96 -14.10
CA ALA D 387 -0.59 -23.41 -14.90
C ALA D 387 -1.44 -24.52 -15.51
N PHE D 388 -0.81 -25.58 -16.00
CA PHE D 388 -1.56 -26.70 -16.54
C PHE D 388 -2.41 -27.37 -15.47
N ASP D 389 -1.84 -27.55 -14.28
CA ASP D 389 -2.60 -28.12 -13.18
C ASP D 389 -3.80 -27.24 -12.83
N ALA D 390 -3.61 -25.93 -12.80
CA ALA D 390 -4.71 -25.02 -12.52
C ALA D 390 -5.78 -25.11 -13.59
N LEU D 391 -5.38 -25.23 -14.86
CA LEU D 391 -6.35 -25.33 -15.94
C LEU D 391 -7.18 -26.60 -15.82
N VAL D 392 -6.52 -27.74 -15.54
CA VAL D 392 -7.27 -28.99 -15.42
C VAL D 392 -8.17 -28.94 -14.20
N THR D 393 -7.73 -28.30 -13.11
CA THR D 393 -8.59 -28.14 -11.95
C THR D 393 -9.81 -27.29 -12.30
N PHE D 394 -9.60 -26.19 -13.02
CA PHE D 394 -10.71 -25.38 -13.49
C PHE D 394 -11.69 -26.21 -14.29
N CYS D 395 -11.18 -27.07 -15.18
CA CYS D 395 -12.06 -27.98 -15.90
C CYS D 395 -12.84 -28.86 -14.94
N GLU D 396 -12.19 -29.33 -13.88
CA GLU D 396 -12.82 -30.18 -12.89
C GLU D 396 -13.39 -29.38 -11.71
N GLU D 397 -13.22 -28.07 -11.70
CA GLU D 397 -13.66 -27.26 -10.57
C GLU D 397 -15.19 -27.21 -10.50
N LEU D 398 -15.70 -27.08 -9.27
CA LEU D 398 -17.13 -26.96 -9.00
C LEU D 398 -17.40 -25.55 -8.49
N GLY D 399 -18.06 -24.74 -9.31
CA GLY D 399 -18.40 -23.39 -8.93
C GLY D 399 -18.44 -22.50 -10.17
N CYS D 400 -18.48 -21.20 -9.92
CA CYS D 400 -18.52 -20.23 -11.01
C CYS D 400 -17.25 -20.32 -11.84
N ARG D 401 -17.41 -20.41 -13.17
CA ARG D 401 -16.25 -20.47 -14.04
C ARG D 401 -15.49 -19.14 -14.04
N HIS D 402 -16.23 -18.03 -14.12
CA HIS D 402 -15.59 -16.72 -14.04
C HIS D 402 -14.86 -16.55 -12.71
N ALA D 403 -15.44 -17.05 -11.62
CA ALA D 403 -14.80 -16.94 -10.33
C ALA D 403 -13.48 -17.72 -10.30
N ALA D 404 -13.48 -18.93 -10.86
CA ALA D 404 -12.25 -19.71 -10.88
C ALA D 404 -11.19 -19.05 -11.76
N ILE D 405 -11.60 -18.50 -12.91
CA ILE D 405 -10.65 -17.79 -13.76
C ILE D 405 -10.05 -16.60 -13.02
N ALA D 406 -10.90 -15.86 -12.30
CA ALA D 406 -10.40 -14.73 -11.53
C ALA D 406 -9.45 -15.18 -10.43
N LYS D 407 -9.77 -16.29 -9.76
CA LYS D 407 -8.90 -16.81 -8.71
C LYS D 407 -7.53 -17.16 -9.28
N TYR D 408 -7.49 -17.80 -10.45
CA TYR D 408 -6.22 -18.14 -11.05
C TYR D 408 -5.45 -16.88 -11.45
N PHE D 409 -6.06 -16.02 -12.27
CA PHE D 409 -5.37 -14.84 -12.76
C PHE D 409 -5.12 -13.81 -11.67
N GLY D 410 -5.70 -13.98 -10.48
CA GLY D 410 -5.61 -12.99 -9.43
C GLY D 410 -6.65 -11.89 -9.53
N ASP D 411 -7.57 -11.97 -10.49
CA ASP D 411 -8.63 -11.00 -10.59
C ASP D 411 -9.59 -11.10 -9.40
N ALA D 412 -10.24 -9.99 -9.09
CA ALA D 412 -11.25 -10.00 -8.03
C ALA D 412 -12.44 -10.85 -8.45
N LEU D 413 -13.14 -11.39 -7.46
CA LEU D 413 -14.24 -12.29 -7.75
C LEU D 413 -15.31 -11.56 -8.56
N PRO D 414 -15.88 -12.18 -9.58
CA PRO D 414 -16.81 -11.47 -10.46
C PRO D 414 -18.27 -11.58 -10.04
N ALA D 415 -19.02 -10.54 -10.39
CA ALA D 415 -20.46 -10.50 -10.14
C ALA D 415 -21.22 -11.03 -11.36
N CYS D 416 -20.95 -12.29 -11.70
CA CYS D 416 -21.53 -12.92 -12.87
C CYS D 416 -22.97 -13.30 -12.56
N ALA D 417 -23.83 -12.28 -12.55
CA ALA D 417 -25.26 -12.51 -12.35
C ALA D 417 -25.83 -13.36 -13.49
N LYS D 418 -25.40 -13.08 -14.72
CA LYS D 418 -25.83 -13.84 -15.89
C LYS D 418 -24.61 -14.18 -16.73
N GLY D 419 -24.74 -15.24 -17.53
CA GLY D 419 -23.64 -15.70 -18.34
C GLY D 419 -22.69 -16.67 -17.66
N CYS D 420 -23.13 -17.32 -16.59
CA CYS D 420 -22.31 -18.28 -15.86
C CYS D 420 -23.07 -19.60 -15.75
N ASP D 421 -22.39 -20.70 -16.06
CA ASP D 421 -23.05 -22.00 -16.00
C ASP D 421 -23.51 -22.34 -14.59
N HIS D 422 -22.66 -22.09 -13.60
CA HIS D 422 -23.02 -22.44 -12.23
C HIS D 422 -24.20 -21.61 -11.74
N CYS D 423 -24.24 -20.32 -12.09
CA CYS D 423 -25.32 -19.46 -11.61
C CYS D 423 -26.67 -19.92 -12.14
N GLN D 424 -26.76 -20.16 -13.45
CA GLN D 424 -28.05 -20.47 -14.06
C GLN D 424 -28.61 -21.78 -13.52
N ASN D 425 -27.81 -22.85 -13.58
CA ASN D 425 -28.26 -24.19 -13.20
C ASN D 425 -27.21 -24.85 -12.30
N PRO D 426 -27.09 -24.39 -11.05
CA PRO D 426 -26.16 -25.06 -10.13
C PRO D 426 -26.48 -26.53 -9.93
N THR D 427 -27.76 -26.89 -9.86
CA THR D 427 -28.15 -28.29 -9.71
C THR D 427 -27.73 -29.10 -10.93
N ALA D 428 -27.88 -28.53 -12.13
CA ALA D 428 -27.46 -29.23 -13.32
C ALA D 428 -25.95 -29.50 -13.31
N VAL D 429 -25.17 -28.51 -12.88
CA VAL D 429 -23.73 -28.70 -12.78
C VAL D 429 -23.40 -29.78 -11.76
N ARG D 430 -24.08 -29.76 -10.61
CA ARG D 430 -23.86 -30.78 -9.60
C ARG D 430 -24.13 -32.17 -10.19
N ARG D 431 -25.25 -32.31 -10.90
CA ARG D 431 -25.58 -33.59 -11.51
C ARG D 431 -24.56 -34.01 -12.54
N ARG D 432 -24.08 -33.06 -13.34
CA ARG D 432 -23.09 -33.38 -14.38
C ARG D 432 -21.80 -33.89 -13.75
N LEU D 433 -21.32 -33.21 -12.71
CA LEU D 433 -20.09 -33.66 -12.05
C LEU D 433 -20.30 -34.99 -11.34
N GLU D 434 -21.48 -35.21 -10.75
CA GLU D 434 -21.75 -36.51 -10.15
C GLU D 434 -21.71 -37.61 -11.20
N ALA D 435 -22.29 -37.35 -12.37
CA ALA D 435 -22.24 -38.32 -13.46
C ALA D 435 -20.80 -38.59 -13.90
N LEU D 436 -20.00 -37.52 -14.01
CA LEU D 436 -18.60 -37.71 -14.38
C LEU D 436 -17.87 -38.56 -13.35
N GLU D 437 -18.09 -38.28 -12.07
CA GLU D 437 -17.43 -39.07 -11.03
C GLU D 437 -17.86 -40.52 -11.09
N ARG D 438 -19.16 -40.77 -11.32
CA ARG D 438 -19.63 -42.14 -11.45
C ARG D 438 -18.98 -42.83 -12.65
N SER D 439 -18.84 -42.12 -13.77
CA SER D 439 -18.21 -42.71 -14.94
C SER D 439 -16.75 -43.04 -14.67
N SER D 440 -16.04 -42.15 -13.98
CA SER D 440 -14.63 -42.38 -13.67
C SER D 440 -14.49 -43.32 -12.48
ZN ZN E . -21.33 -17.48 -11.64
#